data_1KUZ
#
_entry.id   1KUZ
#
loop_
_entity.id
_entity.type
_entity.pdbx_description
1 polymer 'integrin alpha-IIb'
2 polymer 'integrin beta-3'
#
loop_
_entity_poly.entity_id
_entity_poly.type
_entity_poly.pdbx_seq_one_letter_code
_entity_poly.pdbx_strand_id
1 'polypeptide(L)' MWKVGFFKRNR A
2 'polypeptide(L)' KLLITIHDRKEFAKFEEERARAKWD B
#
# COMPACT_ATOMS: atom_id res chain seq x y z
N MET A 1 -5.77 -1.15 14.05
CA MET A 1 -7.23 -1.26 13.79
C MET A 1 -7.73 -2.68 14.06
N TRP A 2 -7.94 -3.44 12.99
CA TRP A 2 -8.43 -4.79 13.08
C TRP A 2 -7.43 -5.78 12.47
N LYS A 3 -7.52 -5.97 11.16
CA LYS A 3 -6.60 -6.85 10.44
C LYS A 3 -5.53 -6.01 9.81
N VAL A 4 -5.86 -4.74 9.66
CA VAL A 4 -5.00 -3.77 9.05
C VAL A 4 -3.55 -3.93 9.45
N GLY A 5 -3.31 -4.22 10.73
CA GLY A 5 -1.95 -4.35 11.21
C GLY A 5 -1.07 -5.09 10.23
N PHE A 6 -1.59 -6.15 9.67
CA PHE A 6 -0.83 -6.92 8.69
C PHE A 6 -1.58 -6.97 7.37
N PHE A 7 -2.65 -6.18 7.26
CA PHE A 7 -3.45 -6.15 6.05
C PHE A 7 -3.10 -4.99 5.14
N LYS A 8 -2.94 -3.81 5.72
CA LYS A 8 -2.62 -2.63 4.94
C LYS A 8 -1.32 -2.82 4.17
N ARG A 9 -0.62 -3.91 4.47
CA ARG A 9 0.62 -4.24 3.79
C ARG A 9 0.36 -5.48 2.93
N ASN A 10 -0.65 -6.23 3.33
CA ASN A 10 -1.06 -7.45 2.65
C ASN A 10 -2.13 -7.16 1.61
N ARG A 11 -3.39 -7.17 2.05
CA ARG A 11 -4.53 -6.91 1.16
C ARG A 11 -4.47 -7.83 -0.06
N LYS B 1 -13.62 0.41 8.16
CA LYS B 1 -12.85 -0.79 7.76
C LYS B 1 -12.76 -0.97 6.26
N LEU B 2 -13.15 0.04 5.52
CA LEU B 2 -13.06 -0.05 4.08
C LEU B 2 -12.01 0.91 3.55
N LEU B 3 -11.16 1.38 4.45
CA LEU B 3 -10.07 2.27 4.10
C LEU B 3 -8.96 1.45 3.45
N ILE B 4 -9.11 0.14 3.56
CA ILE B 4 -8.16 -0.81 3.01
C ILE B 4 -8.45 -1.06 1.52
N THR B 5 -9.07 -0.06 0.88
CA THR B 5 -9.39 -0.15 -0.54
C THR B 5 -8.70 0.97 -1.32
N ILE B 6 -8.52 2.12 -0.66
CA ILE B 6 -7.86 3.26 -1.28
C ILE B 6 -6.61 3.65 -0.52
N HIS B 7 -6.67 3.57 0.81
CA HIS B 7 -5.52 3.90 1.65
C HIS B 7 -4.46 2.82 1.52
N ASP B 8 -4.89 1.62 1.16
CA ASP B 8 -3.97 0.50 0.98
C ASP B 8 -3.19 0.67 -0.32
N ARG B 9 -3.67 1.58 -1.17
CA ARG B 9 -3.01 1.85 -2.43
C ARG B 9 -1.80 2.74 -2.20
N LYS B 10 -1.76 3.36 -1.03
CA LYS B 10 -0.66 4.23 -0.65
C LYS B 10 0.21 3.54 0.40
N GLU B 11 -0.41 2.66 1.18
CA GLU B 11 0.29 1.91 2.20
C GLU B 11 1.21 0.89 1.54
N PHE B 12 1.16 0.84 0.22
CA PHE B 12 1.96 -0.08 -0.58
C PHE B 12 2.96 0.69 -1.44
N ALA B 13 2.67 1.97 -1.66
CA ALA B 13 3.54 2.82 -2.46
C ALA B 13 4.68 3.40 -1.63
N LYS B 14 5.32 2.53 -0.85
CA LYS B 14 6.45 2.94 -0.02
C LYS B 14 7.63 3.24 -0.92
N PHE B 15 8.03 2.21 -1.65
CA PHE B 15 9.12 2.29 -2.61
C PHE B 15 8.52 2.11 -3.99
N GLU B 16 7.26 1.67 -3.98
CA GLU B 16 6.50 1.44 -5.18
C GLU B 16 6.25 2.75 -5.92
N GLU B 17 6.27 3.85 -5.17
CA GLU B 17 6.08 5.17 -5.75
C GLU B 17 7.36 5.65 -6.42
N GLU B 18 8.40 4.83 -6.27
CA GLU B 18 9.71 5.13 -6.84
C GLU B 18 10.13 4.01 -7.78
N ARG B 19 9.37 2.92 -7.76
CA ARG B 19 9.65 1.76 -8.59
C ARG B 19 8.67 1.63 -9.76
N ALA B 20 7.38 1.72 -9.47
CA ALA B 20 6.35 1.61 -10.48
C ALA B 20 5.76 2.98 -10.83
N ARG B 21 6.38 4.02 -10.33
CA ARG B 21 5.92 5.38 -10.58
C ARG B 21 6.92 6.12 -11.47
N ALA B 22 8.15 6.24 -10.98
CA ALA B 22 9.19 6.91 -11.74
C ALA B 22 9.27 6.38 -13.17
N LYS B 23 8.73 5.18 -13.39
CA LYS B 23 8.72 4.59 -14.72
C LYS B 23 8.04 5.53 -15.69
N TRP B 24 6.79 5.86 -15.38
CA TRP B 24 6.00 6.76 -16.19
C TRP B 24 6.08 8.17 -15.62
N ASP B 25 6.77 8.28 -14.50
CA ASP B 25 6.93 9.54 -13.80
C ASP B 25 8.40 9.98 -13.79
N MET A 1 -4.65 -1.08 13.74
CA MET A 1 -6.12 -1.30 13.83
C MET A 1 -6.45 -2.75 14.15
N TRP A 2 -6.80 -3.51 13.12
CA TRP A 2 -7.17 -4.91 13.26
C TRP A 2 -6.23 -5.80 12.46
N LYS A 3 -6.58 -6.02 11.19
CA LYS A 3 -5.77 -6.83 10.28
C LYS A 3 -4.83 -5.91 9.56
N VAL A 4 -5.26 -4.66 9.50
CA VAL A 4 -4.55 -3.60 8.85
C VAL A 4 -3.05 -3.69 9.03
N GLY A 5 -2.60 -4.01 10.25
CA GLY A 5 -1.18 -4.08 10.52
C GLY A 5 -0.38 -4.60 9.36
N PHE A 6 -0.79 -5.74 8.84
CA PHE A 6 -0.12 -6.31 7.70
C PHE A 6 -1.09 -6.48 6.55
N PHE A 7 -2.25 -5.82 6.67
CA PHE A 7 -3.27 -5.92 5.64
C PHE A 7 -3.27 -4.74 4.69
N LYS A 8 -2.91 -3.59 5.20
CA LYS A 8 -2.90 -2.38 4.41
C LYS A 8 -1.77 -2.38 3.40
N ARG A 9 -0.88 -3.33 3.54
CA ARG A 9 0.23 -3.51 2.63
C ARG A 9 -0.04 -4.79 1.86
N ASN A 10 -1.15 -5.39 2.24
CA ASN A 10 -1.61 -6.65 1.69
C ASN A 10 -2.85 -6.48 0.85
N ARG A 11 -4.01 -6.51 1.50
CA ARG A 11 -5.29 -6.36 0.82
C ARG A 11 -5.55 -7.55 -0.10
N LYS B 1 -12.98 0.70 8.74
CA LYS B 1 -12.35 -0.58 8.29
C LYS B 1 -12.41 -0.77 6.79
N LEU B 2 -13.24 0.00 6.12
CA LEU B 2 -13.33 -0.13 4.69
C LEU B 2 -12.39 0.86 4.03
N LEU B 3 -11.50 1.40 4.84
CA LEU B 3 -10.48 2.33 4.37
C LEU B 3 -9.37 1.55 3.69
N ILE B 4 -9.43 0.23 3.88
CA ILE B 4 -8.45 -0.68 3.31
C ILE B 4 -8.89 -1.11 1.90
N THR B 5 -9.49 -0.18 1.18
CA THR B 5 -9.95 -0.44 -0.18
C THR B 5 -9.26 0.50 -1.17
N ILE B 6 -9.02 1.74 -0.73
CA ILE B 6 -8.36 2.74 -1.56
C ILE B 6 -7.07 3.23 -0.90
N HIS B 7 -7.09 3.36 0.42
CA HIS B 7 -5.92 3.81 1.17
C HIS B 7 -4.85 2.73 1.13
N ASP B 8 -5.26 1.50 0.86
CA ASP B 8 -4.34 0.37 0.77
C ASP B 8 -3.49 0.48 -0.48
N ARG B 9 -4.00 1.21 -1.47
CA ARG B 9 -3.30 1.41 -2.73
C ARG B 9 -2.13 2.37 -2.56
N LYS B 10 -2.00 2.92 -1.36
CA LYS B 10 -0.92 3.86 -1.07
C LYS B 10 -0.02 3.33 0.04
N GLU B 11 -0.62 2.65 1.00
CA GLU B 11 0.11 2.08 2.12
C GLU B 11 1.13 1.06 1.64
N PHE B 12 0.98 0.63 0.39
CA PHE B 12 1.90 -0.34 -0.20
C PHE B 12 2.99 0.35 -0.99
N ALA B 13 2.60 1.32 -1.81
CA ALA B 13 3.56 2.06 -2.64
C ALA B 13 4.18 3.20 -1.85
N LYS B 14 4.51 2.92 -0.60
CA LYS B 14 5.13 3.90 0.28
C LYS B 14 6.56 4.13 -0.16
N PHE B 15 7.31 3.04 -0.13
CA PHE B 15 8.71 3.02 -0.55
C PHE B 15 8.81 2.13 -1.78
N GLU B 16 7.73 1.40 -2.01
CA GLU B 16 7.61 0.49 -3.12
C GLU B 16 7.71 1.25 -4.44
N GLU B 17 7.48 2.55 -4.39
CA GLU B 17 7.57 3.39 -5.58
C GLU B 17 9.03 3.70 -5.90
N GLU B 18 9.91 3.21 -5.03
CA GLU B 18 11.34 3.41 -5.19
C GLU B 18 12.05 2.06 -5.29
N ARG B 19 11.41 1.03 -4.76
CA ARG B 19 11.95 -0.32 -4.78
C ARG B 19 11.29 -1.16 -5.88
N ALA B 20 9.96 -1.23 -5.83
CA ALA B 20 9.21 -1.99 -6.82
C ALA B 20 9.11 -1.24 -8.13
N ARG B 21 9.73 -0.07 -8.18
CA ARG B 21 9.74 0.75 -9.38
C ARG B 21 11.10 0.71 -10.05
N ALA B 22 12.12 1.20 -9.34
CA ALA B 22 13.46 1.22 -9.89
C ALA B 22 13.86 -0.13 -10.48
N LYS B 23 13.17 -1.19 -10.04
CA LYS B 23 13.45 -2.53 -10.55
C LYS B 23 13.31 -2.53 -12.07
N TRP B 24 12.13 -2.15 -12.53
CA TRP B 24 11.84 -2.09 -13.94
C TRP B 24 12.04 -0.66 -14.45
N ASP B 25 12.39 0.21 -13.51
CA ASP B 25 12.61 1.62 -13.82
C ASP B 25 14.06 2.02 -13.56
N MET A 1 -5.33 -0.81 13.62
CA MET A 1 -6.81 -0.88 13.56
C MET A 1 -7.30 -2.27 13.94
N TRP A 2 -7.66 -3.07 12.93
CA TRP A 2 -8.17 -4.40 13.14
C TRP A 2 -7.28 -5.43 12.45
N LYS A 3 -7.59 -5.74 11.19
CA LYS A 3 -6.80 -6.68 10.40
C LYS A 3 -5.70 -5.92 9.71
N VAL A 4 -5.95 -4.62 9.59
CA VAL A 4 -5.06 -3.71 8.93
C VAL A 4 -3.62 -3.93 9.35
N GLY A 5 -3.41 -4.17 10.64
CA GLY A 5 -2.08 -4.36 11.15
C GLY A 5 -1.23 -5.20 10.23
N PHE A 6 -1.82 -6.25 9.69
CA PHE A 6 -1.10 -7.11 8.77
C PHE A 6 -1.80 -7.16 7.42
N PHE A 7 -2.79 -6.28 7.24
CA PHE A 7 -3.54 -6.25 5.99
C PHE A 7 -3.10 -5.13 5.07
N LYS A 8 -2.97 -3.93 5.63
CA LYS A 8 -2.58 -2.78 4.84
C LYS A 8 -1.23 -2.99 4.14
N ARG A 9 -0.55 -4.07 4.53
CA ARG A 9 0.73 -4.41 3.93
C ARG A 9 0.55 -5.68 3.10
N ASN A 10 -0.48 -6.44 3.45
CA ASN A 10 -0.82 -7.68 2.78
C ASN A 10 -1.75 -7.42 1.59
N ARG A 11 -3.01 -7.14 1.90
CA ARG A 11 -4.02 -6.88 0.88
C ARG A 11 -4.15 -8.06 -0.06
N LYS B 1 -13.60 0.87 8.37
CA LYS B 1 -12.82 -0.34 7.97
C LYS B 1 -12.77 -0.53 6.47
N LEU B 2 -13.47 0.29 5.73
CA LEU B 2 -13.44 0.16 4.29
C LEU B 2 -12.39 1.08 3.70
N LEU B 3 -11.43 1.46 4.54
CA LEU B 3 -10.32 2.31 4.14
C LEU B 3 -9.25 1.45 3.48
N ILE B 4 -9.45 0.14 3.57
CA ILE B 4 -8.53 -0.83 3.01
C ILE B 4 -8.81 -1.05 1.52
N THR B 5 -9.34 -0.01 0.86
CA THR B 5 -9.64 -0.08 -0.55
C THR B 5 -8.86 0.98 -1.32
N ILE B 6 -8.59 2.10 -0.66
CA ILE B 6 -7.86 3.20 -1.27
C ILE B 6 -6.57 3.50 -0.50
N HIS B 7 -6.64 3.41 0.83
CA HIS B 7 -5.49 3.67 1.68
C HIS B 7 -4.48 2.54 1.55
N ASP B 8 -4.98 1.35 1.23
CA ASP B 8 -4.13 0.18 1.05
C ASP B 8 -3.35 0.29 -0.25
N ARG B 9 -3.76 1.23 -1.09
CA ARG B 9 -3.10 1.45 -2.37
C ARG B 9 -1.90 2.38 -2.18
N LYS B 10 -1.90 3.08 -1.06
CA LYS B 10 -0.82 4.00 -0.72
C LYS B 10 0.08 3.37 0.33
N GLU B 11 -0.47 2.40 1.05
CA GLU B 11 0.27 1.70 2.08
C GLU B 11 1.24 0.72 1.43
N PHE B 12 1.31 0.77 0.10
CA PHE B 12 2.18 -0.10 -0.68
C PHE B 12 3.18 0.73 -1.49
N ALA B 13 2.91 2.04 -1.57
CA ALA B 13 3.77 2.94 -2.30
C ALA B 13 4.95 3.39 -1.46
N LYS B 14 5.64 2.40 -0.90
CA LYS B 14 6.82 2.63 -0.08
C LYS B 14 7.95 3.11 -0.99
N PHE B 15 8.31 2.23 -1.90
CA PHE B 15 9.34 2.48 -2.89
C PHE B 15 8.68 2.50 -4.26
N GLU B 16 7.46 1.99 -4.26
CA GLU B 16 6.64 1.92 -5.46
C GLU B 16 6.32 3.31 -5.96
N GLU B 17 6.36 4.29 -5.06
CA GLU B 17 6.11 5.67 -5.42
C GLU B 17 7.33 6.24 -6.14
N GLU B 18 8.39 5.44 -6.13
CA GLU B 18 9.64 5.80 -6.78
C GLU B 18 9.99 4.77 -7.84
N ARG B 19 9.19 3.71 -7.91
CA ARG B 19 9.39 2.63 -8.85
C ARG B 19 8.39 2.69 -10.00
N ALA B 20 7.21 3.26 -9.73
CA ALA B 20 6.18 3.37 -10.74
C ALA B 20 5.82 4.82 -11.02
N ARG B 21 6.73 5.72 -10.64
CA ARG B 21 6.52 7.14 -10.85
C ARG B 21 7.47 7.67 -11.91
N ALA B 22 8.76 7.63 -11.60
CA ALA B 22 9.78 8.10 -12.53
C ALA B 22 9.54 7.56 -13.94
N LYS B 23 8.83 6.44 -14.02
CA LYS B 23 8.50 5.84 -15.30
C LYS B 23 7.84 6.87 -16.21
N TRP B 24 6.75 7.43 -15.72
CA TRP B 24 6.01 8.45 -16.44
C TRP B 24 6.42 9.83 -15.94
N ASP B 25 7.29 9.81 -14.94
CA ASP B 25 7.77 11.03 -14.32
C ASP B 25 9.27 11.22 -14.58
N MET A 1 -5.15 -1.36 13.79
CA MET A 1 -6.63 -1.50 13.78
C MET A 1 -7.04 -2.95 14.02
N TRP A 2 -7.35 -3.65 12.94
CA TRP A 2 -7.79 -5.03 13.01
C TRP A 2 -6.84 -5.94 12.22
N LYS A 3 -7.13 -6.12 10.94
CA LYS A 3 -6.30 -6.93 10.07
C LYS A 3 -5.25 -6.03 9.44
N VAL A 4 -5.62 -4.75 9.40
CA VAL A 4 -4.79 -3.72 8.84
C VAL A 4 -3.32 -3.90 9.18
N GLY A 5 -3.04 -4.21 10.43
CA GLY A 5 -1.67 -4.36 10.87
C GLY A 5 -0.81 -5.04 9.84
N PHE A 6 -1.33 -6.11 9.26
CA PHE A 6 -0.59 -6.82 8.24
C PHE A 6 -1.36 -6.85 6.93
N PHE A 7 -2.45 -6.08 6.87
CA PHE A 7 -3.28 -6.03 5.68
C PHE A 7 -2.99 -4.82 4.81
N LYS A 8 -2.84 -3.67 5.44
CA LYS A 8 -2.59 -2.45 4.70
C LYS A 8 -1.27 -2.53 3.93
N ARG A 9 -0.52 -3.61 4.18
CA ARG A 9 0.74 -3.86 3.49
C ARG A 9 0.56 -5.10 2.61
N ASN A 10 -0.48 -5.85 2.92
CA ASN A 10 -0.82 -7.08 2.22
C ASN A 10 -1.83 -6.82 1.10
N ARG A 11 -3.09 -6.68 1.50
CA ARG A 11 -4.18 -6.44 0.56
C ARG A 11 -4.29 -7.60 -0.42
N LYS B 1 -13.32 0.48 8.52
CA LYS B 1 -12.54 -0.67 8.01
C LYS B 1 -12.56 -0.77 6.50
N LEU B 2 -13.30 0.09 5.85
CA LEU B 2 -13.35 0.06 4.41
C LEU B 2 -12.39 1.09 3.84
N LEU B 3 -11.41 1.44 4.67
CA LEU B 3 -10.36 2.38 4.29
C LEU B 3 -9.23 1.61 3.63
N ILE B 4 -9.31 0.30 3.77
CA ILE B 4 -8.31 -0.61 3.22
C ILE B 4 -8.57 -0.86 1.73
N THR B 5 -9.50 -0.10 1.16
CA THR B 5 -9.82 -0.23 -0.26
C THR B 5 -9.12 0.84 -1.09
N ILE B 6 -8.89 2.01 -0.49
CA ILE B 6 -8.23 3.10 -1.20
C ILE B 6 -6.94 3.53 -0.50
N HIS B 7 -6.96 3.55 0.84
CA HIS B 7 -5.78 3.95 1.61
C HIS B 7 -4.67 2.91 1.47
N ASP B 8 -5.05 1.69 1.08
CA ASP B 8 -4.08 0.62 0.91
C ASP B 8 -3.30 0.82 -0.39
N ARG B 9 -3.86 1.65 -1.27
CA ARG B 9 -3.21 1.95 -2.55
C ARG B 9 -2.01 2.84 -2.35
N LYS B 10 -1.86 3.36 -1.13
CA LYS B 10 -0.75 4.22 -0.78
C LYS B 10 0.14 3.57 0.26
N GLU B 11 -0.49 2.84 1.17
CA GLU B 11 0.22 2.16 2.23
C GLU B 11 1.20 1.14 1.64
N PHE B 12 1.00 0.84 0.36
CA PHE B 12 1.85 -0.11 -0.35
C PHE B 12 2.86 0.62 -1.23
N ALA B 13 2.38 1.55 -2.05
CA ALA B 13 3.25 2.31 -2.94
C ALA B 13 3.96 3.42 -2.20
N LYS B 14 4.35 3.14 -0.96
CA LYS B 14 5.06 4.08 -0.13
C LYS B 14 6.49 4.21 -0.64
N PHE B 15 7.14 3.06 -0.68
CA PHE B 15 8.50 2.93 -1.17
C PHE B 15 8.48 2.02 -2.37
N GLU B 16 7.38 1.29 -2.49
CA GLU B 16 7.15 0.36 -3.57
C GLU B 16 7.31 1.05 -4.93
N GLU B 17 6.99 2.34 -4.98
CA GLU B 17 7.13 3.10 -6.21
C GLU B 17 8.56 3.02 -6.71
N GLU B 18 9.50 3.03 -5.77
CA GLU B 18 10.91 2.95 -6.09
C GLU B 18 11.34 1.49 -6.23
N ARG B 19 10.71 0.62 -5.43
CA ARG B 19 11.00 -0.80 -5.46
C ARG B 19 10.58 -1.40 -6.80
N ALA B 20 9.78 -0.65 -7.55
CA ALA B 20 9.31 -1.09 -8.85
C ALA B 20 9.85 -0.19 -9.95
N ARG B 21 10.64 0.79 -9.55
CA ARG B 21 11.25 1.73 -10.47
C ARG B 21 12.63 1.25 -10.88
N ALA B 22 13.53 1.18 -9.91
CA ALA B 22 14.90 0.77 -10.16
C ALA B 22 14.99 -0.55 -10.93
N LYS B 23 13.90 -1.30 -10.99
CA LYS B 23 13.93 -2.57 -11.72
C LYS B 23 14.07 -2.30 -13.21
N TRP B 24 13.29 -1.35 -13.70
CA TRP B 24 13.33 -0.98 -15.10
C TRP B 24 14.08 0.33 -15.29
N ASP B 25 14.44 0.93 -14.16
CA ASP B 25 15.16 2.20 -14.16
C ASP B 25 16.61 2.01 -13.73
N MET A 1 -6.35 -1.92 14.16
CA MET A 1 -7.79 -2.15 13.88
C MET A 1 -8.14 -3.64 14.01
N TRP A 2 -8.23 -4.32 12.88
CA TRP A 2 -8.58 -5.72 12.83
C TRP A 2 -7.45 -6.53 12.19
N LYS A 3 -7.49 -6.60 10.87
CA LYS A 3 -6.47 -7.31 10.10
C LYS A 3 -5.48 -6.30 9.58
N VAL A 4 -5.95 -5.07 9.55
CA VAL A 4 -5.21 -3.95 9.06
C VAL A 4 -3.74 -4.00 9.49
N GLY A 5 -3.51 -4.38 10.74
CA GLY A 5 -2.16 -4.42 11.25
C GLY A 5 -1.19 -4.99 10.26
N PHE A 6 -1.59 -6.07 9.60
CA PHE A 6 -0.75 -6.69 8.61
C PHE A 6 -1.46 -6.71 7.26
N PHE A 7 -2.58 -6.01 7.17
CA PHE A 7 -3.35 -5.97 5.94
C PHE A 7 -3.05 -4.73 5.12
N LYS A 8 -3.04 -3.58 5.76
CA LYS A 8 -2.81 -2.34 5.07
C LYS A 8 -1.43 -2.33 4.39
N ARG A 9 -0.65 -3.38 4.67
CA ARG A 9 0.66 -3.56 4.07
C ARG A 9 0.59 -4.75 3.12
N ASN A 10 -0.37 -5.62 3.39
CA ASN A 10 -0.60 -6.81 2.59
C ASN A 10 -1.60 -6.54 1.47
N ARG A 11 -2.87 -6.47 1.83
CA ARG A 11 -3.93 -6.23 0.87
C ARG A 11 -3.98 -7.36 -0.15
N LYS B 1 -13.45 0.57 7.84
CA LYS B 1 -12.75 -0.67 7.40
C LYS B 1 -12.47 -0.71 5.92
N LEU B 2 -13.22 0.07 5.16
CA LEU B 2 -13.01 0.08 3.74
C LEU B 2 -11.88 1.04 3.39
N LEU B 3 -11.14 1.43 4.42
CA LEU B 3 -9.99 2.30 4.27
C LEU B 3 -8.86 1.52 3.62
N ILE B 4 -8.98 0.21 3.71
CA ILE B 4 -8.00 -0.71 3.15
C ILE B 4 -8.28 -0.97 1.68
N THR B 5 -9.09 -0.10 1.07
CA THR B 5 -9.43 -0.23 -0.34
C THR B 5 -8.76 0.86 -1.16
N ILE B 6 -8.60 2.04 -0.56
CA ILE B 6 -7.98 3.17 -1.24
C ILE B 6 -6.71 3.63 -0.51
N HIS B 7 -6.78 3.65 0.82
CA HIS B 7 -5.63 4.08 1.63
C HIS B 7 -4.52 3.04 1.57
N ASP B 8 -4.90 1.80 1.28
CA ASP B 8 -3.93 0.71 1.17
C ASP B 8 -3.12 0.86 -0.11
N ARG B 9 -3.71 1.54 -1.09
CA ARG B 9 -3.06 1.78 -2.36
C ARG B 9 -1.87 2.71 -2.18
N LYS B 10 -1.73 3.24 -0.97
CA LYS B 10 -0.65 4.15 -0.63
C LYS B 10 0.20 3.58 0.50
N GLU B 11 -0.43 2.80 1.37
CA GLU B 11 0.25 2.19 2.49
C GLU B 11 1.24 1.14 2.00
N PHE B 12 1.23 0.91 0.69
CA PHE B 12 2.12 -0.07 0.07
C PHE B 12 3.02 0.60 -0.96
N ALA B 13 2.67 1.82 -1.34
CA ALA B 13 3.45 2.56 -2.32
C ALA B 13 4.62 3.28 -1.68
N LYS B 14 5.35 2.55 -0.84
CA LYS B 14 6.53 3.09 -0.18
C LYS B 14 7.64 3.25 -1.20
N PHE B 15 8.01 2.12 -1.76
CA PHE B 15 9.03 2.06 -2.79
C PHE B 15 8.33 1.71 -4.09
N GLU B 16 7.12 1.20 -3.92
CA GLU B 16 6.26 0.81 -5.01
C GLU B 16 5.95 1.99 -5.92
N GLU B 17 5.81 3.17 -5.33
CA GLU B 17 5.53 4.38 -6.09
C GLU B 17 6.62 4.60 -7.14
N GLU B 18 7.82 4.10 -6.84
CA GLU B 18 8.95 4.21 -7.75
C GLU B 18 8.99 3.01 -8.69
N ARG B 19 8.66 1.84 -8.15
CA ARG B 19 8.64 0.61 -8.93
C ARG B 19 7.50 0.67 -9.94
N ALA B 20 6.60 1.63 -9.73
CA ALA B 20 5.46 1.83 -10.59
C ALA B 20 5.63 3.15 -11.35
N ARG B 21 6.75 3.81 -11.07
CA ARG B 21 7.08 5.08 -11.71
C ARG B 21 7.94 4.83 -12.93
N ALA B 22 9.10 4.23 -12.72
CA ALA B 22 10.03 3.95 -13.81
C ALA B 22 9.35 3.26 -14.98
N LYS B 23 8.18 2.65 -14.75
CA LYS B 23 7.48 1.99 -15.84
C LYS B 23 7.01 3.01 -16.87
N TRP B 24 6.27 4.00 -16.42
CA TRP B 24 5.77 5.04 -17.29
C TRP B 24 6.73 6.23 -17.32
N ASP B 25 7.75 6.15 -16.49
CA ASP B 25 8.76 7.20 -16.38
C ASP B 25 10.06 6.79 -17.07
N MET A 1 -5.09 -1.70 13.90
CA MET A 1 -6.57 -1.81 13.92
C MET A 1 -7.02 -3.26 14.06
N TRP A 2 -7.40 -3.86 12.94
CA TRP A 2 -7.87 -5.22 12.91
C TRP A 2 -6.96 -6.09 12.06
N LYS A 3 -7.27 -6.18 10.77
CA LYS A 3 -6.46 -6.93 9.82
C LYS A 3 -5.39 -6.03 9.29
N VAL A 4 -5.71 -4.74 9.31
CA VAL A 4 -4.85 -3.70 8.83
C VAL A 4 -3.39 -3.93 9.19
N GLY A 5 -3.14 -4.33 10.43
CA GLY A 5 -1.78 -4.54 10.87
C GLY A 5 -0.91 -5.16 9.81
N PHE A 6 -1.41 -6.19 9.17
CA PHE A 6 -0.67 -6.84 8.11
C PHE A 6 -1.45 -6.80 6.81
N PHE A 7 -2.52 -6.01 6.80
CA PHE A 7 -3.36 -5.89 5.61
C PHE A 7 -3.04 -4.64 4.82
N LYS A 8 -2.85 -3.52 5.51
CA LYS A 8 -2.55 -2.27 4.84
C LYS A 8 -1.26 -2.37 4.04
N ARG A 9 -0.55 -3.47 4.26
CA ARG A 9 0.69 -3.74 3.54
C ARG A 9 0.42 -4.87 2.55
N ASN A 10 -0.64 -5.62 2.84
CA ASN A 10 -1.06 -6.75 2.02
C ASN A 10 -2.23 -6.37 1.12
N ARG A 11 -3.45 -6.67 1.58
CA ARG A 11 -4.66 -6.38 0.82
C ARG A 11 -4.58 -6.98 -0.59
N LYS B 1 -13.15 0.78 8.53
CA LYS B 1 -12.43 -0.42 8.03
C LYS B 1 -12.45 -0.50 6.51
N LEU B 2 -13.22 0.35 5.87
CA LEU B 2 -13.27 0.36 4.43
C LEU B 2 -12.26 1.34 3.88
N LEU B 3 -11.31 1.69 4.74
CA LEU B 3 -10.23 2.60 4.37
C LEU B 3 -9.14 1.80 3.68
N ILE B 4 -9.08 0.53 4.01
CA ILE B 4 -8.11 -0.39 3.46
C ILE B 4 -8.46 -0.73 2.01
N THR B 5 -9.62 -0.26 1.56
CA THR B 5 -10.06 -0.49 0.20
C THR B 5 -9.30 0.40 -0.80
N ILE B 6 -9.01 1.63 -0.38
CA ILE B 6 -8.30 2.57 -1.24
C ILE B 6 -6.98 3.06 -0.62
N HIS B 7 -6.99 3.31 0.69
CA HIS B 7 -5.80 3.79 1.39
C HIS B 7 -4.71 2.73 1.42
N ASP B 8 -5.08 1.49 1.10
CA ASP B 8 -4.13 0.40 1.06
C ASP B 8 -3.32 0.42 -0.22
N ARG B 9 -3.90 1.03 -1.26
CA ARG B 9 -3.24 1.13 -2.55
C ARG B 9 -2.05 2.08 -2.47
N LYS B 10 -1.93 2.76 -1.34
CA LYS B 10 -0.84 3.72 -1.12
C LYS B 10 0.03 3.26 0.04
N GLU B 11 -0.58 2.55 0.98
CA GLU B 11 0.10 2.05 2.15
C GLU B 11 1.18 1.03 1.77
N PHE B 12 1.28 0.75 0.47
CA PHE B 12 2.26 -0.21 -0.03
C PHE B 12 3.26 0.48 -0.94
N ALA B 13 2.77 1.34 -1.82
CA ALA B 13 3.63 2.06 -2.74
C ALA B 13 4.20 3.31 -2.09
N LYS B 14 4.72 3.12 -0.88
CA LYS B 14 5.33 4.20 -0.14
C LYS B 14 6.66 4.54 -0.78
N PHE B 15 7.48 3.51 -0.86
CA PHE B 15 8.79 3.55 -1.47
C PHE B 15 8.82 2.53 -2.59
N GLU B 16 7.81 1.70 -2.59
CA GLU B 16 7.63 0.65 -3.58
C GLU B 16 7.47 1.25 -4.97
N GLU B 17 6.90 2.47 -5.02
CA GLU B 17 6.69 3.16 -6.29
C GLU B 17 8.01 3.73 -6.80
N GLU B 18 9.05 3.57 -6.00
CA GLU B 18 10.39 4.06 -6.35
C GLU B 18 11.38 2.91 -6.41
N ARG B 19 10.95 1.76 -5.92
CA ARG B 19 11.80 0.57 -5.89
C ARG B 19 11.44 -0.40 -7.02
N ALA B 20 10.20 -0.31 -7.49
CA ALA B 20 9.72 -1.16 -8.57
C ALA B 20 9.50 -0.35 -9.83
N ARG B 21 9.83 0.94 -9.76
CA ARG B 21 9.68 1.83 -10.89
C ARG B 21 11.02 2.01 -11.60
N ALA B 22 12.00 2.48 -10.85
CA ALA B 22 13.33 2.70 -11.41
C ALA B 22 13.86 1.47 -12.13
N LYS B 23 13.27 0.30 -11.88
CA LYS B 23 13.72 -0.92 -12.54
C LYS B 23 13.43 -0.83 -14.04
N TRP B 24 12.19 -0.47 -14.36
CA TRP B 24 11.78 -0.34 -15.75
C TRP B 24 11.76 1.13 -16.16
N ASP B 25 12.07 1.99 -15.20
CA ASP B 25 12.08 3.44 -15.44
C ASP B 25 13.49 4.00 -15.33
N MET A 1 -5.95 -1.64 13.90
CA MET A 1 -7.42 -1.83 13.73
C MET A 1 -7.80 -3.30 13.91
N TRP A 2 -7.97 -3.99 12.79
CA TRP A 2 -8.36 -5.38 12.80
C TRP A 2 -7.30 -6.23 12.10
N LYS A 3 -7.44 -6.37 10.78
CA LYS A 3 -6.48 -7.13 9.97
C LYS A 3 -5.44 -6.16 9.46
N VAL A 4 -5.86 -4.91 9.40
CA VAL A 4 -5.06 -3.82 8.91
C VAL A 4 -3.62 -3.91 9.37
N GLY A 5 -3.41 -4.23 10.65
CA GLY A 5 -2.08 -4.30 11.19
C GLY A 5 -1.08 -4.86 10.22
N PHE A 6 -1.44 -5.97 9.60
CA PHE A 6 -0.56 -6.59 8.63
C PHE A 6 -1.26 -6.68 7.28
N PHE A 7 -2.40 -6.02 7.16
CA PHE A 7 -3.15 -6.04 5.92
C PHE A 7 -2.88 -4.82 5.06
N LYS A 8 -2.86 -3.65 5.68
CA LYS A 8 -2.62 -2.42 4.96
C LYS A 8 -1.28 -2.44 4.24
N ARG A 9 -0.49 -3.47 4.52
CA ARG A 9 0.79 -3.66 3.88
C ARG A 9 0.71 -4.88 2.97
N ASN A 10 -0.21 -5.76 3.31
CA ASN A 10 -0.45 -6.99 2.57
C ASN A 10 -1.42 -6.76 1.42
N ARG A 11 -2.70 -6.66 1.76
CA ARG A 11 -3.75 -6.46 0.77
C ARG A 11 -3.79 -7.61 -0.23
N LYS B 1 -13.67 0.12 7.95
CA LYS B 1 -12.84 -1.01 7.44
C LYS B 1 -12.67 -0.98 5.94
N LEU B 2 -13.36 -0.09 5.28
CA LEU B 2 -13.24 -0.01 3.85
C LEU B 2 -12.18 1.02 3.46
N LEU B 3 -11.39 1.40 4.45
CA LEU B 3 -10.30 2.34 4.25
C LEU B 3 -9.15 1.58 3.60
N ILE B 4 -9.29 0.26 3.61
CA ILE B 4 -8.29 -0.63 3.04
C ILE B 4 -8.58 -0.87 1.56
N THR B 5 -9.10 0.17 0.91
CA THR B 5 -9.42 0.12 -0.51
C THR B 5 -8.64 1.18 -1.29
N ILE B 6 -8.51 2.36 -0.68
CA ILE B 6 -7.78 3.46 -1.31
C ILE B 6 -6.57 3.85 -0.47
N HIS B 7 -6.71 3.79 0.86
CA HIS B 7 -5.62 4.14 1.75
C HIS B 7 -4.54 3.06 1.70
N ASP B 8 -4.94 1.88 1.25
CA ASP B 8 -4.01 0.76 1.12
C ASP B 8 -3.15 0.93 -0.13
N ARG B 9 -3.61 1.79 -1.04
CA ARG B 9 -2.88 2.06 -2.26
C ARG B 9 -1.64 2.89 -1.98
N LYS B 10 -1.61 3.46 -0.78
CA LYS B 10 -0.48 4.27 -0.35
C LYS B 10 0.31 3.56 0.73
N GLU B 11 -0.41 2.81 1.57
CA GLU B 11 0.19 2.06 2.65
C GLU B 11 1.07 0.94 2.08
N PHE B 12 1.05 0.83 0.74
CA PHE B 12 1.84 -0.18 0.05
C PHE B 12 2.84 0.46 -0.90
N ALA B 13 2.48 1.62 -1.43
CA ALA B 13 3.34 2.33 -2.36
C ALA B 13 4.42 3.09 -1.61
N LYS B 14 5.10 2.37 -0.75
CA LYS B 14 6.20 2.92 0.03
C LYS B 14 7.33 3.24 -0.92
N PHE B 15 7.75 2.20 -1.61
CA PHE B 15 8.79 2.26 -2.61
C PHE B 15 8.23 1.76 -3.93
N GLU B 16 7.07 1.10 -3.81
CA GLU B 16 6.36 0.55 -4.95
C GLU B 16 5.96 1.66 -5.91
N GLU B 17 5.81 2.87 -5.38
CA GLU B 17 5.45 4.03 -6.19
C GLU B 17 6.64 4.46 -7.03
N GLU B 18 7.76 3.77 -6.83
CA GLU B 18 8.99 4.05 -7.55
C GLU B 18 9.43 2.84 -8.36
N ARG B 19 8.97 1.67 -7.94
CA ARG B 19 9.30 0.42 -8.60
C ARG B 19 8.25 0.06 -9.65
N ALA B 20 7.06 0.62 -9.49
CA ALA B 20 5.96 0.37 -10.42
C ALA B 20 5.62 1.61 -11.21
N ARG B 21 6.50 2.60 -11.13
CA ARG B 21 6.34 3.84 -11.85
C ARG B 21 7.38 3.94 -12.93
N ALA B 22 8.64 3.89 -12.52
CA ALA B 22 9.74 3.95 -13.46
C ALA B 22 9.62 2.89 -14.54
N LYS B 23 8.80 1.87 -14.31
CA LYS B 23 8.62 0.83 -15.31
C LYS B 23 7.99 1.41 -16.57
N TRP B 24 6.92 2.17 -16.40
CA TRP B 24 6.24 2.83 -17.51
C TRP B 24 6.65 4.29 -17.58
N ASP B 25 7.45 4.69 -16.60
CA ASP B 25 7.91 6.08 -16.50
C ASP B 25 9.42 6.17 -16.71
N MET A 1 -4.94 -0.78 13.65
CA MET A 1 -6.41 -0.95 13.58
C MET A 1 -6.83 -2.38 13.92
N TRP A 2 -7.31 -3.10 12.90
CA TRP A 2 -7.77 -4.47 13.08
C TRP A 2 -6.84 -5.45 12.35
N LYS A 3 -7.17 -5.77 11.09
CA LYS A 3 -6.34 -6.68 10.31
C LYS A 3 -5.30 -5.88 9.55
N VAL A 4 -5.55 -4.60 9.49
CA VAL A 4 -4.70 -3.67 8.82
C VAL A 4 -3.23 -3.89 9.14
N GLY A 5 -2.94 -4.11 10.42
CA GLY A 5 -1.56 -4.31 10.83
C GLY A 5 -0.75 -5.08 9.83
N PHE A 6 -1.32 -6.14 9.30
CA PHE A 6 -0.63 -6.94 8.31
C PHE A 6 -1.41 -7.00 7.00
N PHE A 7 -2.46 -6.19 6.90
CA PHE A 7 -3.29 -6.17 5.70
C PHE A 7 -2.97 -4.98 4.81
N LYS A 8 -2.75 -3.83 5.40
CA LYS A 8 -2.46 -2.63 4.61
C LYS A 8 -1.20 -2.84 3.77
N ARG A 9 -0.50 -3.93 4.04
CA ARG A 9 0.70 -4.28 3.31
C ARG A 9 0.44 -5.54 2.49
N ASN A 10 -0.54 -6.32 2.96
CA ASN A 10 -0.93 -7.56 2.33
C ASN A 10 -2.11 -7.34 1.38
N ARG A 11 -3.31 -7.22 1.95
CA ARG A 11 -4.52 -7.02 1.17
C ARG A 11 -4.71 -8.14 0.16
N LYS B 1 -13.34 0.33 8.48
CA LYS B 1 -12.56 -0.80 7.93
C LYS B 1 -12.57 -0.87 6.41
N LEU B 2 -13.26 0.03 5.78
CA LEU B 2 -13.29 0.02 4.35
C LEU B 2 -12.32 1.05 3.79
N LEU B 3 -11.44 1.52 4.68
CA LEU B 3 -10.42 2.47 4.32
C LEU B 3 -9.28 1.70 3.64
N ILE B 4 -9.39 0.38 3.73
CA ILE B 4 -8.43 -0.54 3.15
C ILE B 4 -8.74 -0.77 1.68
N THR B 5 -9.47 0.18 1.08
CA THR B 5 -9.83 0.10 -0.33
C THR B 5 -9.07 1.14 -1.14
N ILE B 6 -8.79 2.28 -0.52
CA ILE B 6 -8.07 3.36 -1.19
C ILE B 6 -6.76 3.69 -0.46
N HIS B 7 -6.80 3.63 0.87
CA HIS B 7 -5.61 3.92 1.66
C HIS B 7 -4.57 2.82 1.48
N ASP B 8 -5.03 1.65 1.09
CA ASP B 8 -4.16 0.52 0.86
C ASP B 8 -3.47 0.63 -0.50
N ARG B 9 -4.01 1.52 -1.33
CA ARG B 9 -3.45 1.76 -2.66
C ARG B 9 -2.23 2.64 -2.55
N LYS B 10 -1.99 3.15 -1.35
CA LYS B 10 -0.85 4.02 -1.09
C LYS B 10 0.06 3.41 -0.03
N GLU B 11 -0.54 2.60 0.84
CA GLU B 11 0.19 1.94 1.91
C GLU B 11 1.21 0.96 1.35
N PHE B 12 1.05 0.61 0.08
CA PHE B 12 1.97 -0.31 -0.59
C PHE B 12 3.01 0.45 -1.39
N ALA B 13 2.57 1.51 -2.06
CA ALA B 13 3.46 2.33 -2.87
C ALA B 13 4.18 3.36 -2.01
N LYS B 14 4.58 2.94 -0.83
CA LYS B 14 5.30 3.79 0.11
C LYS B 14 6.70 4.04 -0.42
N PHE B 15 7.42 2.93 -0.58
CA PHE B 15 8.76 2.93 -1.11
C PHE B 15 8.71 2.24 -2.46
N GLU B 16 7.59 1.56 -2.68
CA GLU B 16 7.33 0.84 -3.90
C GLU B 16 7.25 1.81 -5.08
N GLU B 17 6.82 3.04 -4.79
CA GLU B 17 6.72 4.07 -5.81
C GLU B 17 8.11 4.59 -6.18
N GLU B 18 9.10 4.13 -5.42
CA GLU B 18 10.48 4.53 -5.64
C GLU B 18 11.35 3.30 -5.90
N ARG B 19 10.74 2.12 -5.76
CA ARG B 19 11.44 0.86 -5.94
C ARG B 19 11.05 0.19 -7.27
N ALA B 20 9.75 0.08 -7.51
CA ALA B 20 9.26 -0.56 -8.74
C ALA B 20 8.51 0.42 -9.62
N ARG B 21 8.63 1.70 -9.30
CA ARG B 21 7.97 2.75 -10.07
C ARG B 21 8.98 3.54 -10.87
N ALA B 22 9.90 4.20 -10.18
CA ALA B 22 10.93 5.00 -10.84
C ALA B 22 11.59 4.22 -11.98
N LYS B 23 11.53 2.89 -11.91
CA LYS B 23 12.11 2.06 -12.95
C LYS B 23 11.55 2.46 -14.30
N TRP B 24 10.23 2.42 -14.39
CA TRP B 24 9.53 2.80 -15.62
C TRP B 24 9.04 4.23 -15.50
N ASP B 25 9.31 4.82 -14.33
CA ASP B 25 8.90 6.18 -14.04
C ASP B 25 10.11 7.09 -13.85
N MET A 1 -5.00 -1.17 13.74
CA MET A 1 -6.47 -1.40 13.82
C MET A 1 -6.79 -2.85 14.14
N TRP A 2 -7.09 -3.64 13.11
CA TRP A 2 -7.46 -5.03 13.27
C TRP A 2 -6.48 -5.92 12.50
N LYS A 3 -6.81 -6.19 11.25
CA LYS A 3 -5.96 -7.01 10.38
C LYS A 3 -5.01 -6.08 9.65
N VAL A 4 -5.46 -4.83 9.59
CA VAL A 4 -4.75 -3.77 8.93
C VAL A 4 -3.25 -3.83 9.17
N GLY A 5 -2.85 -4.13 10.39
CA GLY A 5 -1.43 -4.17 10.71
C GLY A 5 -0.59 -4.68 9.58
N PHE A 6 -0.98 -5.82 9.04
CA PHE A 6 -0.27 -6.38 7.91
C PHE A 6 -1.21 -6.54 6.74
N PHE A 7 -2.39 -5.95 6.83
CA PHE A 7 -3.37 -6.05 5.77
C PHE A 7 -3.36 -4.87 4.84
N LYS A 8 -2.99 -3.72 5.35
CA LYS A 8 -2.97 -2.52 4.55
C LYS A 8 -1.81 -2.55 3.58
N ARG A 9 -0.99 -3.55 3.74
CA ARG A 9 0.14 -3.78 2.87
C ARG A 9 -0.06 -5.13 2.23
N ASN A 10 -1.27 -5.63 2.44
CA ASN A 10 -1.69 -6.93 1.98
C ASN A 10 -2.89 -6.83 1.04
N ARG A 11 -4.08 -6.83 1.63
CA ARG A 11 -5.32 -6.76 0.89
C ARG A 11 -5.49 -7.97 -0.02
N LYS B 1 -13.23 0.26 8.76
CA LYS B 1 -12.55 -0.93 8.18
C LYS B 1 -12.60 -0.97 6.67
N LEU B 2 -13.28 -0.02 6.08
CA LEU B 2 -13.35 0.01 4.64
C LEU B 2 -12.35 1.02 4.09
N LEU B 3 -11.48 1.49 4.99
CA LEU B 3 -10.44 2.43 4.63
C LEU B 3 -9.35 1.68 3.89
N ILE B 4 -9.42 0.36 3.98
CA ILE B 4 -8.46 -0.53 3.35
C ILE B 4 -8.81 -0.72 1.87
N THR B 5 -9.86 -0.05 1.42
CA THR B 5 -10.30 -0.15 0.03
C THR B 5 -9.49 0.76 -0.89
N ILE B 6 -9.14 1.95 -0.41
CA ILE B 6 -8.38 2.90 -1.23
C ILE B 6 -7.04 3.28 -0.59
N HIS B 7 -7.03 3.43 0.73
CA HIS B 7 -5.81 3.80 1.45
C HIS B 7 -4.76 2.68 1.34
N ASP B 8 -5.20 1.50 0.94
CA ASP B 8 -4.31 0.36 0.79
C ASP B 8 -3.55 0.45 -0.53
N ARG B 9 -4.10 1.19 -1.48
CA ARG B 9 -3.49 1.37 -2.79
C ARG B 9 -2.27 2.27 -2.69
N LYS B 10 -2.08 2.88 -1.52
CA LYS B 10 -0.96 3.79 -1.30
C LYS B 10 -0.06 3.30 -0.17
N GLU B 11 -0.63 2.54 0.75
CA GLU B 11 0.10 2.02 1.89
C GLU B 11 1.21 1.05 1.45
N PHE B 12 1.30 0.82 0.14
CA PHE B 12 2.32 -0.07 -0.39
C PHE B 12 3.34 0.68 -1.23
N ALA B 13 2.85 1.53 -2.13
CA ALA B 13 3.75 2.30 -2.98
C ALA B 13 4.21 3.56 -2.28
N LYS B 14 4.66 3.38 -1.06
CA LYS B 14 5.17 4.46 -0.25
C LYS B 14 6.59 4.77 -0.70
N PHE B 15 7.42 3.75 -0.57
CA PHE B 15 8.83 3.79 -0.93
C PHE B 15 9.11 2.69 -1.95
N GLU B 16 8.09 1.85 -2.13
CA GLU B 16 8.15 0.73 -3.04
C GLU B 16 8.51 1.16 -4.46
N GLU B 17 8.02 2.32 -4.88
CA GLU B 17 8.30 2.84 -6.22
C GLU B 17 9.78 3.20 -6.34
N GLU B 18 10.46 3.25 -5.20
CA GLU B 18 11.88 3.58 -5.16
C GLU B 18 12.69 2.36 -4.75
N ARG B 19 12.00 1.33 -4.26
CA ARG B 19 12.63 0.10 -3.83
C ARG B 19 12.73 -0.89 -4.99
N ALA B 20 11.60 -1.16 -5.62
CA ALA B 20 11.54 -2.07 -6.74
C ALA B 20 12.05 -1.41 -8.01
N ARG B 21 12.59 -0.20 -7.86
CA ARG B 21 13.13 0.56 -8.99
C ARG B 21 14.65 0.49 -8.98
N ALA B 22 15.25 1.04 -7.94
CA ALA B 22 16.70 1.04 -7.82
C ALA B 22 17.30 -0.34 -8.08
N LYS B 23 16.49 -1.39 -7.90
CA LYS B 23 16.95 -2.75 -8.14
C LYS B 23 17.48 -2.87 -9.56
N TRP B 24 16.63 -2.54 -10.51
CA TRP B 24 16.98 -2.58 -11.91
C TRP B 24 17.43 -1.21 -12.37
N ASP B 25 17.34 -0.26 -11.45
CA ASP B 25 17.71 1.13 -11.72
C ASP B 25 18.89 1.56 -10.86
N MET A 1 -5.51 -1.49 13.82
CA MET A 1 -6.98 -1.72 13.69
C MET A 1 -7.32 -3.20 13.84
N TRP A 2 -7.67 -3.84 12.72
CA TRP A 2 -8.04 -5.23 12.72
C TRP A 2 -7.01 -6.06 11.94
N LYS A 3 -7.23 -6.24 10.63
CA LYS A 3 -6.30 -7.00 9.80
C LYS A 3 -5.27 -6.06 9.24
N VAL A 4 -5.61 -4.79 9.32
CA VAL A 4 -4.79 -3.72 8.82
C VAL A 4 -3.33 -3.89 9.23
N GLY A 5 -3.11 -4.26 10.49
CA GLY A 5 -1.76 -4.40 10.97
C GLY A 5 -0.84 -5.05 9.98
N PHE A 6 -1.35 -6.06 9.30
CA PHE A 6 -0.55 -6.74 8.30
C PHE A 6 -1.23 -6.68 6.94
N PHE A 7 -2.28 -5.89 6.83
CA PHE A 7 -3.01 -5.77 5.58
C PHE A 7 -2.70 -4.49 4.83
N LYS A 8 -2.60 -3.38 5.55
CA LYS A 8 -2.32 -2.11 4.90
C LYS A 8 -0.97 -2.15 4.18
N ARG A 9 -0.23 -3.22 4.42
CA ARG A 9 1.06 -3.44 3.79
C ARG A 9 0.94 -4.60 2.81
N ASN A 10 -0.09 -5.41 3.04
CA ASN A 10 -0.38 -6.58 2.22
C ASN A 10 -1.43 -6.26 1.16
N ARG A 11 -2.69 -6.24 1.58
CA ARG A 11 -3.81 -5.97 0.69
C ARG A 11 -3.88 -7.03 -0.41
N LYS B 1 -13.56 -0.21 8.21
CA LYS B 1 -12.68 -1.27 7.65
C LYS B 1 -12.61 -1.25 6.14
N LEU B 2 -13.39 -0.41 5.51
CA LEU B 2 -13.34 -0.35 4.08
C LEU B 2 -12.47 0.81 3.64
N LEU B 3 -11.65 1.27 4.58
CA LEU B 3 -10.71 2.35 4.34
C LEU B 3 -9.45 1.77 3.73
N ILE B 4 -9.38 0.45 3.78
CA ILE B 4 -8.27 -0.31 3.25
C ILE B 4 -8.44 -0.55 1.74
N THR B 5 -9.45 0.09 1.16
CA THR B 5 -9.71 -0.04 -0.26
C THR B 5 -8.97 1.04 -1.06
N ILE B 6 -8.77 2.20 -0.44
CA ILE B 6 -8.08 3.29 -1.11
C ILE B 6 -6.82 3.71 -0.34
N HIS B 7 -6.91 3.75 0.99
CA HIS B 7 -5.76 4.13 1.80
C HIS B 7 -4.64 3.12 1.65
N ASP B 8 -5.00 1.86 1.42
CA ASP B 8 -4.03 0.80 1.23
C ASP B 8 -3.35 0.95 -0.13
N ARG B 9 -4.03 1.64 -1.04
CA ARG B 9 -3.50 1.88 -2.37
C ARG B 9 -2.29 2.80 -2.29
N LYS B 10 -2.11 3.40 -1.12
CA LYS B 10 -1.00 4.32 -0.88
C LYS B 10 -0.05 3.73 0.16
N GLU B 11 -0.61 3.01 1.13
CA GLU B 11 0.17 2.38 2.16
C GLU B 11 1.03 1.27 1.57
N PHE B 12 0.72 0.90 0.34
CA PHE B 12 1.46 -0.14 -0.37
C PHE B 12 2.59 0.45 -1.20
N ALA B 13 2.33 1.61 -1.79
CA ALA B 13 3.34 2.28 -2.61
C ALA B 13 4.27 3.12 -1.73
N LYS B 14 4.77 2.49 -0.69
CA LYS B 14 5.70 3.14 0.22
C LYS B 14 7.04 3.20 -0.46
N PHE B 15 7.49 2.01 -0.85
CA PHE B 15 8.73 1.82 -1.55
C PHE B 15 8.41 1.16 -2.89
N GLU B 16 7.17 0.70 -2.97
CA GLU B 16 6.66 0.04 -4.16
C GLU B 16 6.64 1.02 -5.33
N GLU B 17 6.48 2.30 -5.02
CA GLU B 17 6.46 3.35 -6.04
C GLU B 17 7.86 3.58 -6.57
N GLU B 18 8.83 2.92 -5.96
CA GLU B 18 10.24 3.04 -6.35
C GLU B 18 10.79 1.68 -6.76
N ARG B 19 10.04 0.63 -6.44
CA ARG B 19 10.44 -0.74 -6.75
C ARG B 19 9.80 -1.19 -8.06
N ALA B 20 8.61 -0.68 -8.34
CA ALA B 20 7.89 -1.04 -9.55
C ALA B 20 8.01 0.06 -10.59
N ARG B 21 8.66 1.15 -10.22
CA ARG B 21 8.87 2.27 -11.11
C ARG B 21 10.20 2.15 -11.81
N ALA B 22 11.27 2.16 -11.04
CA ALA B 22 12.62 2.06 -11.58
C ALA B 22 12.77 0.89 -12.55
N LYS B 23 11.87 -0.09 -12.50
CA LYS B 23 11.96 -1.23 -13.41
C LYS B 23 11.76 -0.76 -14.85
N TRP B 24 10.73 0.07 -15.04
CA TRP B 24 10.42 0.60 -16.36
C TRP B 24 10.86 2.06 -16.45
N ASP B 25 11.35 2.58 -15.35
CA ASP B 25 11.80 3.97 -15.26
C ASP B 25 13.32 4.05 -15.16
N MET A 1 -3.75 0.48 12.76
CA MET A 1 -5.23 0.34 12.86
C MET A 1 -5.62 -0.98 13.52
N TRP A 2 -6.20 -1.89 12.74
CA TRP A 2 -6.65 -3.17 13.23
C TRP A 2 -5.83 -4.31 12.63
N LYS A 3 -6.28 -4.81 11.48
CA LYS A 3 -5.59 -5.88 10.78
C LYS A 3 -4.61 -5.29 9.80
N VAL A 4 -4.90 -4.05 9.46
CA VAL A 4 -4.12 -3.30 8.51
C VAL A 4 -2.63 -3.54 8.66
N GLY A 5 -2.14 -3.57 9.90
CA GLY A 5 -0.73 -3.77 10.12
C GLY A 5 -0.12 -4.73 9.14
N PHE A 6 -0.83 -5.80 8.83
CA PHE A 6 -0.35 -6.77 7.88
C PHE A 6 -1.31 -6.94 6.71
N PHE A 7 -2.36 -6.12 6.69
CA PHE A 7 -3.36 -6.21 5.63
C PHE A 7 -3.12 -5.19 4.54
N LYS A 8 -2.75 -3.98 4.92
CA LYS A 8 -2.51 -2.95 3.93
C LYS A 8 -1.45 -3.40 2.93
N ARG A 9 -0.80 -4.51 3.27
CA ARG A 9 0.18 -5.12 2.40
C ARG A 9 -0.40 -6.41 1.86
N ASN A 10 -1.40 -6.89 2.59
CA ASN A 10 -2.13 -8.09 2.27
C ASN A 10 -3.40 -7.75 1.51
N ARG A 11 -4.45 -7.43 2.28
CA ARG A 11 -5.74 -7.10 1.71
C ARG A 11 -6.41 -5.97 2.48
N LYS B 1 -13.09 0.29 9.14
CA LYS B 1 -12.22 -0.80 8.65
C LYS B 1 -12.41 -1.12 7.18
N LEU B 2 -13.07 -0.23 6.47
CA LEU B 2 -13.27 -0.46 5.05
C LEU B 2 -12.53 0.59 4.23
N LEU B 3 -11.54 1.21 4.87
CA LEU B 3 -10.70 2.20 4.22
C LEU B 3 -9.60 1.48 3.46
N ILE B 4 -9.60 0.17 3.59
CA ILE B 4 -8.62 -0.70 2.95
C ILE B 4 -8.97 -0.92 1.47
N THR B 5 -9.95 -0.16 0.98
CA THR B 5 -10.36 -0.27 -0.41
C THR B 5 -9.61 0.72 -1.30
N ILE B 6 -9.23 1.85 -0.72
CA ILE B 6 -8.52 2.88 -1.47
C ILE B 6 -7.15 3.17 -0.86
N HIS B 7 -7.08 3.17 0.47
CA HIS B 7 -5.83 3.44 1.16
C HIS B 7 -4.82 2.33 0.90
N ASP B 8 -5.31 1.17 0.49
CA ASP B 8 -4.45 0.04 0.19
C ASP B 8 -3.74 0.24 -1.14
N ARG B 9 -4.25 1.19 -1.92
CA ARG B 9 -3.67 1.51 -3.21
C ARG B 9 -2.48 2.45 -3.06
N LYS B 10 -2.39 3.07 -1.89
CA LYS B 10 -1.31 3.98 -1.58
C LYS B 10 -0.33 3.33 -0.62
N GLU B 11 -0.84 2.38 0.16
CA GLU B 11 -0.03 1.66 1.11
C GLU B 11 1.00 0.83 0.37
N PHE B 12 0.79 0.71 -0.95
CA PHE B 12 1.70 -0.04 -1.80
C PHE B 12 2.94 0.80 -2.05
N ALA B 13 2.75 2.12 -2.10
CA ALA B 13 3.85 3.05 -2.31
C ALA B 13 4.54 3.37 -0.99
N LYS B 14 4.79 2.32 -0.21
CA LYS B 14 5.46 2.46 1.08
C LYS B 14 6.93 2.75 0.84
N PHE B 15 7.57 1.80 0.20
CA PHE B 15 8.97 1.90 -0.16
C PHE B 15 9.05 2.10 -1.66
N GLU B 16 7.93 1.78 -2.30
CA GLU B 16 7.78 1.91 -3.73
C GLU B 16 8.04 3.33 -4.18
N GLU B 17 7.73 4.29 -3.31
CA GLU B 17 7.92 5.70 -3.61
C GLU B 17 9.42 6.00 -3.75
N GLU B 18 10.23 5.24 -3.03
CA GLU B 18 11.68 5.40 -3.08
C GLU B 18 12.28 4.51 -4.16
N ARG B 19 11.70 3.33 -4.32
CA ARG B 19 12.15 2.37 -5.33
C ARG B 19 11.87 2.91 -6.73
N ALA B 20 10.95 3.86 -6.81
CA ALA B 20 10.59 4.47 -8.08
C ALA B 20 11.04 5.92 -8.12
N ARG B 21 11.88 6.29 -7.16
CA ARG B 21 12.41 7.65 -7.08
C ARG B 21 13.85 7.69 -7.55
N ALA B 22 14.73 7.04 -6.80
CA ALA B 22 16.15 7.02 -7.13
C ALA B 22 16.37 6.75 -8.61
N LYS B 23 15.41 6.07 -9.25
CA LYS B 23 15.51 5.79 -10.68
C LYS B 23 15.80 7.06 -11.45
N TRP B 24 14.92 8.03 -11.27
CA TRP B 24 15.05 9.32 -11.91
C TRP B 24 15.69 10.31 -10.95
N ASP B 25 15.92 9.83 -9.73
CA ASP B 25 16.50 10.65 -8.67
C ASP B 25 17.92 10.18 -8.35
N MET A 1 -5.11 -0.41 13.25
CA MET A 1 -6.56 -0.71 13.35
C MET A 1 -6.80 -2.16 13.76
N TRP A 2 -7.22 -2.97 12.81
CA TRP A 2 -7.51 -4.37 13.04
C TRP A 2 -6.53 -5.27 12.30
N LYS A 3 -6.92 -5.77 11.11
CA LYS A 3 -6.04 -6.62 10.32
C LYS A 3 -5.07 -5.75 9.56
N VAL A 4 -5.45 -4.50 9.47
CA VAL A 4 -4.69 -3.51 8.78
C VAL A 4 -3.22 -3.56 9.12
N GLY A 5 -2.91 -3.76 10.39
CA GLY A 5 -1.54 -3.79 10.84
C GLY A 5 -0.63 -4.47 9.85
N PHE A 6 -1.06 -5.60 9.33
CA PHE A 6 -0.26 -6.31 8.35
C PHE A 6 -1.02 -6.47 7.04
N PHE A 7 -2.18 -5.84 6.96
CA PHE A 7 -3.00 -5.94 5.76
C PHE A 7 -2.78 -4.76 4.82
N LYS A 8 -2.66 -3.58 5.37
CA LYS A 8 -2.46 -2.39 4.55
C LYS A 8 -1.17 -2.49 3.75
N ARG A 9 -0.34 -3.47 4.09
CA ARG A 9 0.91 -3.73 3.40
C ARG A 9 0.76 -5.00 2.57
N ASN A 10 -0.20 -5.82 2.99
CA ASN A 10 -0.49 -7.08 2.34
C ASN A 10 -1.52 -6.90 1.23
N ARG A 11 -2.78 -6.74 1.62
CA ARG A 11 -3.87 -6.56 0.69
C ARG A 11 -3.97 -7.75 -0.27
N LYS B 1 -13.63 -0.22 8.36
CA LYS B 1 -12.72 -1.26 7.81
C LYS B 1 -12.79 -1.35 6.30
N LEU B 2 -13.27 -0.31 5.66
CA LEU B 2 -13.34 -0.30 4.22
C LEU B 2 -12.39 0.75 3.67
N LEU B 3 -11.57 1.30 4.57
CA LEU B 3 -10.56 2.27 4.19
C LEU B 3 -9.42 1.53 3.54
N ILE B 4 -9.48 0.21 3.65
CA ILE B 4 -8.47 -0.69 3.09
C ILE B 4 -8.78 -0.96 1.62
N THR B 5 -9.47 0.00 0.99
CA THR B 5 -9.82 -0.11 -0.42
C THR B 5 -9.17 1.02 -1.21
N ILE B 6 -9.09 2.20 -0.59
CA ILE B 6 -8.48 3.35 -1.23
C ILE B 6 -7.20 3.77 -0.52
N HIS B 7 -7.21 3.69 0.81
CA HIS B 7 -6.04 4.05 1.61
C HIS B 7 -4.95 3.01 1.42
N ASP B 8 -5.36 1.80 1.03
CA ASP B 8 -4.44 0.71 0.79
C ASP B 8 -3.75 0.90 -0.55
N ARG B 9 -4.31 1.80 -1.36
CA ARG B 9 -3.75 2.11 -2.67
C ARG B 9 -2.50 2.97 -2.51
N LYS B 10 -2.26 3.41 -1.28
CA LYS B 10 -1.10 4.23 -0.96
C LYS B 10 -0.22 3.54 0.05
N GLU B 11 -0.86 2.74 0.91
CA GLU B 11 -0.15 1.98 1.90
C GLU B 11 0.66 0.90 1.21
N PHE B 12 0.42 0.79 -0.10
CA PHE B 12 1.10 -0.18 -0.95
C PHE B 12 2.38 0.44 -1.51
N ALA B 13 2.47 1.77 -1.43
CA ALA B 13 3.63 2.51 -1.92
C ALA B 13 4.78 2.41 -0.93
N LYS B 14 5.10 1.19 -0.53
CA LYS B 14 6.19 0.93 0.39
C LYS B 14 7.51 1.24 -0.30
N PHE B 15 7.77 0.47 -1.33
CA PHE B 15 8.95 0.62 -2.16
C PHE B 15 8.50 1.21 -3.47
N GLU B 16 7.19 1.11 -3.70
CA GLU B 16 6.54 1.63 -4.88
C GLU B 16 6.70 3.14 -4.95
N GLU B 17 6.82 3.77 -3.78
CA GLU B 17 7.00 5.21 -3.70
C GLU B 17 8.40 5.59 -4.17
N GLU B 18 9.18 4.56 -4.48
CA GLU B 18 10.55 4.75 -4.96
C GLU B 18 10.71 4.14 -6.35
N ARG B 19 9.61 3.64 -6.89
CA ARG B 19 9.61 3.03 -8.21
C ARG B 19 8.73 3.80 -9.19
N ALA B 20 7.79 4.58 -8.64
CA ALA B 20 6.88 5.38 -9.45
C ALA B 20 7.01 6.86 -9.14
N ARG B 21 7.94 7.19 -8.24
CA ARG B 21 8.17 8.57 -7.87
C ARG B 21 9.35 9.13 -8.65
N ALA B 22 10.50 8.50 -8.51
CA ALA B 22 11.69 8.94 -9.20
C ALA B 22 11.48 9.10 -10.71
N LYS B 23 10.41 8.53 -11.24
CA LYS B 23 10.14 8.65 -12.67
C LYS B 23 9.80 10.10 -13.02
N TRP B 24 8.85 10.67 -12.29
CA TRP B 24 8.44 12.05 -12.52
C TRP B 24 9.16 12.98 -11.55
N ASP B 25 9.86 12.38 -10.60
CA ASP B 25 10.58 13.12 -9.57
C ASP B 25 12.07 13.18 -9.90
N MET A 1 -5.38 -1.05 13.65
CA MET A 1 -6.86 -1.17 13.57
C MET A 1 -7.33 -2.58 13.91
N TRP A 2 -7.66 -3.34 12.87
CA TRP A 2 -8.14 -4.70 13.04
C TRP A 2 -7.20 -5.70 12.37
N LYS A 3 -7.44 -5.95 11.09
CA LYS A 3 -6.61 -6.85 10.31
C LYS A 3 -5.52 -6.06 9.63
N VAL A 4 -5.82 -4.79 9.49
CA VAL A 4 -4.96 -3.84 8.84
C VAL A 4 -3.50 -4.05 9.19
N GLY A 5 -3.19 -4.15 10.48
CA GLY A 5 -1.81 -4.31 10.89
C GLY A 5 -1.00 -5.15 9.93
N PHE A 6 -1.60 -6.19 9.42
CA PHE A 6 -0.91 -7.03 8.47
C PHE A 6 -1.66 -7.10 7.15
N PHE A 7 -2.71 -6.30 7.03
CA PHE A 7 -3.52 -6.29 5.83
C PHE A 7 -3.15 -5.20 4.85
N LYS A 8 -2.86 -4.04 5.39
CA LYS A 8 -2.51 -2.89 4.58
C LYS A 8 -1.25 -3.17 3.81
N ARG A 9 -0.42 -4.03 4.36
CA ARG A 9 0.81 -4.43 3.71
C ARG A 9 0.54 -5.74 2.99
N ASN A 10 -0.74 -6.08 2.99
CA ASN A 10 -1.24 -7.31 2.39
C ASN A 10 -2.18 -7.00 1.23
N ARG A 11 -3.46 -6.87 1.55
CA ARG A 11 -4.49 -6.59 0.56
C ARG A 11 -4.60 -7.73 -0.45
N LYS B 1 -13.52 0.53 8.24
CA LYS B 1 -12.74 -0.62 7.72
C LYS B 1 -12.76 -0.72 6.22
N LEU B 2 -13.01 0.39 5.56
CA LEU B 2 -13.02 0.40 4.12
C LEU B 2 -11.90 1.28 3.61
N LEU B 3 -11.06 1.72 4.54
CA LEU B 3 -9.90 2.53 4.22
C LEU B 3 -8.89 1.64 3.51
N ILE B 4 -9.12 0.34 3.65
CA ILE B 4 -8.29 -0.68 3.06
C ILE B 4 -8.58 -0.81 1.56
N THR B 5 -9.35 0.13 1.03
CA THR B 5 -9.72 0.13 -0.39
C THR B 5 -8.79 1.03 -1.19
N ILE B 6 -8.45 2.19 -0.63
CA ILE B 6 -7.58 3.14 -1.31
C ILE B 6 -6.31 3.43 -0.49
N HIS B 7 -6.46 3.50 0.84
CA HIS B 7 -5.31 3.78 1.69
C HIS B 7 -4.31 2.64 1.63
N ASP B 8 -4.81 1.45 1.30
CA ASP B 8 -3.96 0.27 1.19
C ASP B 8 -3.08 0.38 -0.04
N ARG B 9 -3.49 1.22 -0.98
CA ARG B 9 -2.74 1.42 -2.21
C ARG B 9 -1.58 2.39 -1.98
N LYS B 10 -1.53 2.97 -0.79
CA LYS B 10 -0.47 3.91 -0.43
C LYS B 10 0.38 3.35 0.70
N GLU B 11 -0.25 2.57 1.56
CA GLU B 11 0.43 1.96 2.69
C GLU B 11 1.58 1.09 2.20
N PHE B 12 1.57 0.81 0.91
CA PHE B 12 2.59 -0.02 0.29
C PHE B 12 3.34 0.72 -0.80
N ALA B 13 2.58 1.34 -1.71
CA ALA B 13 3.17 2.08 -2.82
C ALA B 13 3.67 3.45 -2.40
N LYS B 14 4.28 3.52 -1.22
CA LYS B 14 4.84 4.75 -0.72
C LYS B 14 6.14 5.04 -1.47
N PHE B 15 7.03 4.08 -1.38
CA PHE B 15 8.31 4.12 -2.05
C PHE B 15 8.35 2.98 -3.07
N GLU B 16 7.40 2.07 -2.88
CA GLU B 16 7.25 0.91 -3.73
C GLU B 16 6.98 1.32 -5.17
N GLU B 17 6.34 2.49 -5.34
CA GLU B 17 6.05 3.00 -6.67
C GLU B 17 7.33 3.46 -7.36
N GLU B 18 8.43 3.37 -6.62
CA GLU B 18 9.73 3.78 -7.13
C GLU B 18 10.72 2.61 -7.10
N ARG B 19 10.26 1.46 -6.62
CA ARG B 19 11.11 0.28 -6.52
C ARG B 19 10.65 -0.83 -7.46
N ALA B 20 9.36 -1.15 -7.42
CA ALA B 20 8.80 -2.21 -8.25
C ALA B 20 7.87 -1.65 -9.31
N ARG B 21 7.60 -0.36 -9.26
CA ARG B 21 6.73 0.28 -10.24
C ARG B 21 7.54 0.84 -11.39
N ALA B 22 8.45 1.75 -11.08
CA ALA B 22 9.26 2.37 -12.10
C ALA B 22 9.96 1.35 -13.00
N LYS B 23 10.01 0.09 -12.58
CA LYS B 23 10.64 -0.93 -13.40
C LYS B 23 9.81 -1.19 -14.66
N TRP B 24 8.54 -1.50 -14.45
CA TRP B 24 7.63 -1.76 -15.56
C TRP B 24 6.90 -0.48 -15.95
N ASP B 25 7.11 0.58 -15.17
CA ASP B 25 6.48 1.86 -15.41
C ASP B 25 7.50 2.91 -15.83
N MET A 1 -4.89 -1.13 13.78
CA MET A 1 -6.37 -1.12 13.65
C MET A 1 -6.98 -2.48 13.96
N TRP A 2 -7.36 -3.19 12.91
CA TRP A 2 -7.97 -4.49 13.04
C TRP A 2 -7.13 -5.54 12.31
N LYS A 3 -7.39 -5.70 11.01
CA LYS A 3 -6.65 -6.64 10.18
C LYS A 3 -5.52 -5.89 9.51
N VAL A 4 -5.72 -4.59 9.43
CA VAL A 4 -4.80 -3.68 8.80
C VAL A 4 -3.34 -4.02 9.10
N GLY A 5 -3.03 -4.23 10.38
CA GLY A 5 -1.66 -4.51 10.75
C GLY A 5 -1.01 -5.50 9.83
N PHE A 6 -1.77 -6.47 9.36
CA PHE A 6 -1.24 -7.45 8.45
C PHE A 6 -1.97 -7.40 7.13
N PHE A 7 -2.79 -6.36 6.96
CA PHE A 7 -3.56 -6.20 5.74
C PHE A 7 -3.12 -5.00 4.92
N LYS A 8 -2.95 -3.84 5.56
CA LYS A 8 -2.54 -2.66 4.83
C LYS A 8 -1.20 -2.89 4.15
N ARG A 9 -0.53 -3.96 4.53
CA ARG A 9 0.75 -4.34 3.95
C ARG A 9 0.55 -5.58 3.08
N ASN A 10 -0.56 -6.27 3.32
CA ASN A 10 -0.91 -7.47 2.58
C ASN A 10 -1.88 -7.16 1.44
N ARG A 11 -3.18 -7.14 1.78
CA ARG A 11 -4.22 -6.87 0.80
C ARG A 11 -4.18 -7.89 -0.34
N LYS B 1 -12.97 0.83 8.26
CA LYS B 1 -12.23 -0.38 7.84
C LYS B 1 -12.25 -0.61 6.35
N LEU B 2 -12.87 0.28 5.61
CA LEU B 2 -12.92 0.12 4.18
C LEU B 2 -11.88 1.01 3.52
N LEU B 3 -11.04 1.60 4.36
CA LEU B 3 -9.94 2.43 3.89
C LEU B 3 -8.91 1.53 3.24
N ILE B 4 -9.09 0.25 3.47
CA ILE B 4 -8.22 -0.78 2.92
C ILE B 4 -8.43 -0.92 1.42
N THR B 5 -9.36 -0.12 0.89
CA THR B 5 -9.65 -0.13 -0.53
C THR B 5 -8.88 0.98 -1.23
N ILE B 6 -8.62 2.06 -0.48
CA ILE B 6 -7.87 3.18 -1.02
C ILE B 6 -6.59 3.43 -0.23
N HIS B 7 -6.73 3.67 1.09
CA HIS B 7 -5.57 3.91 1.95
C HIS B 7 -4.54 2.80 1.78
N ASP B 8 -5.00 1.68 1.26
CA ASP B 8 -4.13 0.52 1.01
C ASP B 8 -3.22 0.75 -0.18
N ARG B 9 -3.77 1.38 -1.21
CA ARG B 9 -3.01 1.65 -2.43
C ARG B 9 -1.84 2.58 -2.13
N LYS B 10 -1.87 3.21 -0.97
CA LYS B 10 -0.81 4.12 -0.55
C LYS B 10 0.04 3.48 0.53
N GLU B 11 -0.57 2.59 1.31
CA GLU B 11 0.12 1.89 2.37
C GLU B 11 1.17 0.94 1.81
N PHE B 12 1.20 0.83 0.48
CA PHE B 12 2.13 -0.06 -0.19
C PHE B 12 3.03 0.72 -1.15
N ALA B 13 2.44 1.64 -1.91
CA ALA B 13 3.20 2.44 -2.87
C ALA B 13 3.95 3.58 -2.18
N LYS B 14 4.47 3.28 -1.00
CA LYS B 14 5.25 4.24 -0.24
C LYS B 14 6.58 4.45 -0.93
N PHE B 15 7.30 3.35 -1.06
CA PHE B 15 8.59 3.31 -1.73
C PHE B 15 8.43 2.45 -2.97
N GLU B 16 7.33 1.71 -2.97
CA GLU B 16 6.98 0.82 -4.07
C GLU B 16 6.79 1.61 -5.36
N GLU B 17 6.48 2.90 -5.22
CA GLU B 17 6.28 3.77 -6.37
C GLU B 17 7.63 4.09 -7.00
N GLU B 18 8.69 3.57 -6.38
CA GLU B 18 10.05 3.79 -6.85
C GLU B 18 10.72 2.46 -7.18
N ARG B 19 10.15 1.38 -6.64
CA ARG B 19 10.68 0.04 -6.88
C ARG B 19 9.84 -0.70 -7.93
N ALA B 20 8.54 -0.77 -7.69
CA ALA B 20 7.62 -1.46 -8.59
C ALA B 20 7.27 -0.57 -9.79
N ARG B 21 7.94 0.57 -9.88
CA ARG B 21 7.71 1.50 -10.97
C ARG B 21 8.87 1.51 -11.94
N ALA B 22 10.04 1.90 -11.45
CA ALA B 22 11.25 1.95 -12.27
C ALA B 22 11.42 0.66 -13.07
N LYS B 23 10.82 -0.42 -12.59
CA LYS B 23 10.90 -1.71 -13.28
C LYS B 23 10.43 -1.56 -14.71
N TRP B 24 9.19 -1.12 -14.85
CA TRP B 24 8.58 -0.92 -16.15
C TRP B 24 8.72 0.54 -16.56
N ASP B 25 9.31 1.33 -15.67
CA ASP B 25 9.50 2.75 -15.90
C ASP B 25 10.99 3.09 -16.02
N MET A 1 -5.35 -0.74 13.55
CA MET A 1 -6.80 -1.04 13.64
C MET A 1 -7.05 -2.49 14.02
N TRP A 2 -7.34 -3.32 13.01
CA TRP A 2 -7.62 -4.72 13.22
C TRP A 2 -6.63 -5.58 12.46
N LYS A 3 -6.96 -5.88 11.20
CA LYS A 3 -6.10 -6.67 10.34
C LYS A 3 -5.21 -5.73 9.57
N VAL A 4 -5.70 -4.51 9.46
CA VAL A 4 -5.05 -3.43 8.75
C VAL A 4 -3.54 -3.44 8.95
N GLY A 5 -3.11 -3.61 10.20
CA GLY A 5 -1.70 -3.58 10.49
C GLY A 5 -0.89 -4.37 9.50
N PHE A 6 -1.39 -5.53 9.13
CA PHE A 6 -0.70 -6.34 8.16
C PHE A 6 -1.59 -6.60 6.95
N PHE A 7 -2.68 -5.84 6.83
CA PHE A 7 -3.60 -6.02 5.72
C PHE A 7 -3.50 -4.91 4.69
N LYS A 8 -3.46 -3.67 5.16
CA LYS A 8 -3.39 -2.53 4.25
C LYS A 8 -2.14 -2.61 3.36
N ARG A 9 -1.31 -3.61 3.64
CA ARG A 9 -0.09 -3.83 2.86
C ARG A 9 -0.19 -5.19 2.17
N ASN A 10 -1.05 -6.04 2.74
CA ASN A 10 -1.28 -7.38 2.22
C ASN A 10 -2.40 -7.40 1.20
N ARG A 11 -3.63 -7.30 1.70
CA ARG A 11 -4.82 -7.33 0.84
C ARG A 11 -4.94 -8.65 0.11
N LYS B 1 -13.76 0.19 8.62
CA LYS B 1 -13.01 -0.98 8.09
C LYS B 1 -13.01 -1.04 6.58
N LEU B 2 -13.65 -0.08 5.95
CA LEU B 2 -13.68 -0.05 4.51
C LEU B 2 -12.69 0.98 4.00
N LEU B 3 -11.65 1.19 4.80
CA LEU B 3 -10.58 2.11 4.47
C LEU B 3 -9.47 1.35 3.76
N ILE B 4 -9.52 0.03 3.92
CA ILE B 4 -8.54 -0.87 3.33
C ILE B 4 -8.64 -0.87 1.80
N THR B 5 -9.47 0.02 1.27
CA THR B 5 -9.64 0.15 -0.18
C THR B 5 -8.87 1.35 -0.71
N ILE B 6 -8.23 2.11 0.19
CA ILE B 6 -7.46 3.28 -0.21
C ILE B 6 -5.99 3.17 0.21
N HIS B 7 -5.73 3.00 1.50
CA HIS B 7 -4.36 2.88 2.00
C HIS B 7 -3.67 1.71 1.34
N ASP B 8 -4.43 0.68 1.12
CA ASP B 8 -3.94 -0.51 0.49
C ASP B 8 -3.53 -0.24 -0.95
N ARG B 9 -3.60 1.03 -1.34
CA ARG B 9 -3.23 1.48 -2.67
C ARG B 9 -2.10 2.50 -2.57
N LYS B 10 -1.89 3.01 -1.37
CA LYS B 10 -0.86 4.02 -1.11
C LYS B 10 0.18 3.48 -0.13
N GLU B 11 -0.31 2.99 1.01
CA GLU B 11 0.52 2.43 2.05
C GLU B 11 1.57 1.48 1.48
N PHE B 12 1.30 0.96 0.29
CA PHE B 12 2.20 0.03 -0.37
C PHE B 12 3.23 0.79 -1.22
N ALA B 13 2.78 1.85 -1.86
CA ALA B 13 3.65 2.66 -2.71
C ALA B 13 4.50 3.63 -1.87
N LYS B 14 4.93 3.16 -0.71
CA LYS B 14 5.78 3.95 0.17
C LYS B 14 7.13 4.14 -0.49
N PHE B 15 7.77 3.01 -0.75
CA PHE B 15 9.04 2.95 -1.41
C PHE B 15 8.84 2.29 -2.76
N GLU B 16 7.69 1.63 -2.87
CA GLU B 16 7.28 0.94 -4.07
C GLU B 16 7.16 1.90 -5.24
N GLU B 17 6.89 3.17 -4.92
CA GLU B 17 6.77 4.20 -5.96
C GLU B 17 8.13 4.42 -6.60
N GLU B 18 9.16 3.87 -5.98
CA GLU B 18 10.52 3.98 -6.46
C GLU B 18 11.00 2.63 -7.00
N ARG B 19 10.43 1.56 -6.48
CA ARG B 19 10.77 0.21 -6.90
C ARG B 19 10.02 -0.17 -8.16
N ALA B 20 8.99 0.60 -8.48
CA ALA B 20 8.18 0.37 -9.68
C ALA B 20 8.40 1.47 -10.70
N ARG B 21 9.19 2.46 -10.30
CA ARG B 21 9.51 3.58 -11.17
C ARG B 21 10.83 3.32 -11.89
N ALA B 22 11.88 3.09 -11.11
CA ALA B 22 13.20 2.84 -11.68
C ALA B 22 13.17 1.75 -12.73
N LYS B 23 12.12 0.93 -12.75
CA LYS B 23 12.03 -0.14 -13.73
C LYS B 23 11.89 0.45 -15.13
N TRP B 24 10.75 1.10 -15.37
CA TRP B 24 10.48 1.72 -16.65
C TRP B 24 11.21 3.06 -16.76
N ASP B 25 11.75 3.50 -15.63
CA ASP B 25 12.48 4.77 -15.57
C ASP B 25 13.97 4.53 -15.37
N MET A 1 -4.57 -0.79 13.49
CA MET A 1 -6.04 -0.91 13.63
C MET A 1 -6.45 -2.33 14.01
N TRP A 2 -6.97 -3.06 13.04
CA TRP A 2 -7.42 -4.42 13.26
C TRP A 2 -6.57 -5.41 12.47
N LYS A 3 -6.99 -5.74 11.25
CA LYS A 3 -6.22 -6.65 10.40
C LYS A 3 -5.21 -5.86 9.62
N VAL A 4 -5.46 -4.57 9.56
CA VAL A 4 -4.65 -3.64 8.85
C VAL A 4 -3.16 -3.84 9.11
N GLY A 5 -2.81 -4.06 10.37
CA GLY A 5 -1.42 -4.21 10.72
C GLY A 5 -0.64 -4.99 9.71
N PHE A 6 -1.21 -6.08 9.23
CA PHE A 6 -0.54 -6.87 8.22
C PHE A 6 -1.41 -6.98 6.98
N PHE A 7 -2.48 -6.20 6.93
CA PHE A 7 -3.38 -6.24 5.80
C PHE A 7 -3.14 -5.11 4.82
N LYS A 8 -2.74 -3.96 5.32
CA LYS A 8 -2.51 -2.82 4.47
C LYS A 8 -1.29 -3.02 3.59
N ARG A 9 -0.53 -4.06 3.92
CA ARG A 9 0.64 -4.43 3.14
C ARG A 9 0.29 -5.72 2.41
N ASN A 10 -0.93 -6.13 2.69
CA ASN A 10 -1.50 -7.35 2.16
C ASN A 10 -2.54 -7.06 1.09
N ARG A 11 -3.78 -6.90 1.53
CA ARG A 11 -4.89 -6.62 0.63
C ARG A 11 -5.07 -7.76 -0.36
N LYS B 1 -13.03 0.59 8.66
CA LYS B 1 -12.31 -0.57 8.08
C LYS B 1 -12.41 -0.66 6.59
N LEU B 2 -13.19 0.24 6.00
CA LEU B 2 -13.30 0.23 4.56
C LEU B 2 -12.34 1.23 3.96
N LEU B 3 -11.41 1.67 4.81
CA LEU B 3 -10.37 2.61 4.41
C LEU B 3 -9.26 1.84 3.73
N ILE B 4 -9.30 0.53 3.93
CA ILE B 4 -8.32 -0.38 3.37
C ILE B 4 -8.66 -0.69 1.90
N THR B 5 -9.79 -0.16 1.43
CA THR B 5 -10.20 -0.36 0.05
C THR B 5 -9.48 0.59 -0.89
N ILE B 6 -9.14 1.79 -0.40
CA ILE B 6 -8.46 2.78 -1.22
C ILE B 6 -7.10 3.19 -0.64
N HIS B 7 -7.04 3.36 0.68
CA HIS B 7 -5.80 3.77 1.34
C HIS B 7 -4.74 2.67 1.25
N ASP B 8 -5.19 1.46 0.92
CA ASP B 8 -4.27 0.34 0.79
C ASP B 8 -3.53 0.43 -0.54
N ARG B 9 -4.14 1.13 -1.50
CA ARG B 9 -3.55 1.30 -2.82
C ARG B 9 -2.37 2.26 -2.76
N LYS B 10 -2.23 2.91 -1.61
CA LYS B 10 -1.15 3.87 -1.39
C LYS B 10 -0.21 3.36 -0.31
N GLU B 11 -0.75 2.53 0.57
CA GLU B 11 0.01 1.95 1.66
C GLU B 11 1.09 1.00 1.14
N PHE B 12 1.03 0.71 -0.15
CA PHE B 12 1.99 -0.18 -0.80
C PHE B 12 3.10 0.62 -1.47
N ALA B 13 2.73 1.68 -2.18
CA ALA B 13 3.71 2.50 -2.86
C ALA B 13 4.27 3.55 -1.91
N LYS B 14 4.67 3.09 -0.74
CA LYS B 14 5.26 3.95 0.28
C LYS B 14 6.68 4.27 -0.13
N PHE B 15 7.43 3.20 -0.31
CA PHE B 15 8.81 3.23 -0.72
C PHE B 15 8.94 2.45 -2.02
N GLU B 16 7.87 1.73 -2.33
CA GLU B 16 7.77 0.92 -3.52
C GLU B 16 7.88 1.78 -4.77
N GLU B 17 7.52 3.06 -4.64
CA GLU B 17 7.59 3.99 -5.74
C GLU B 17 9.01 4.51 -5.91
N GLU B 18 9.91 4.00 -5.07
CA GLU B 18 11.31 4.40 -5.11
C GLU B 18 12.20 3.19 -5.37
N ARG B 19 11.69 2.01 -5.03
CA ARG B 19 12.43 0.77 -5.22
C ARG B 19 12.07 0.13 -6.55
N ALA B 20 10.78 -0.08 -6.78
CA ALA B 20 10.31 -0.68 -8.02
C ALA B 20 10.29 0.34 -9.14
N ARG B 21 10.85 1.52 -8.87
CA ARG B 21 10.93 2.58 -9.86
C ARG B 21 12.36 2.79 -10.29
N ALA B 22 13.21 3.18 -9.35
CA ALA B 22 14.62 3.41 -9.65
C ALA B 22 15.22 2.25 -10.43
N LYS B 23 14.60 1.08 -10.31
CA LYS B 23 15.06 -0.10 -11.04
C LYS B 23 15.15 0.22 -12.52
N TRP B 24 14.03 0.64 -13.08
CA TRP B 24 13.96 1.02 -14.48
C TRP B 24 14.09 2.52 -14.62
N ASP B 25 14.22 3.18 -13.47
CA ASP B 25 14.35 4.63 -13.41
C ASP B 25 15.70 5.04 -12.84
N MET A 1 -5.93 -1.69 13.93
CA MET A 1 -7.39 -1.82 13.70
C MET A 1 -7.86 -3.26 13.84
N TRP A 2 -8.07 -3.92 12.70
CA TRP A 2 -8.54 -5.28 12.67
C TRP A 2 -7.52 -6.18 11.97
N LYS A 3 -7.67 -6.34 10.66
CA LYS A 3 -6.76 -7.14 9.86
C LYS A 3 -5.63 -6.26 9.40
N VAL A 4 -5.93 -4.97 9.39
CA VAL A 4 -5.01 -3.95 8.96
C VAL A 4 -3.60 -4.19 9.47
N GLY A 5 -3.46 -4.42 10.76
CA GLY A 5 -2.13 -4.61 11.32
C GLY A 5 -1.18 -5.30 10.38
N PHE A 6 -1.67 -6.32 9.70
CA PHE A 6 -0.84 -7.02 8.73
C PHE A 6 -1.45 -6.97 7.35
N PHE A 7 -2.53 -6.19 7.22
CA PHE A 7 -3.22 -6.08 5.95
C PHE A 7 -2.78 -4.90 5.12
N LYS A 8 -2.87 -3.74 5.71
CA LYS A 8 -2.50 -2.51 5.04
C LYS A 8 -1.15 -2.67 4.35
N ARG A 9 -0.39 -3.67 4.83
CA ARG A 9 0.90 -4.02 4.27
C ARG A 9 0.68 -5.06 3.17
N ASN A 10 -0.08 -6.08 3.56
CA ASN A 10 -0.41 -7.19 2.68
C ASN A 10 -1.34 -6.77 1.55
N ARG A 11 -2.62 -6.68 1.85
CA ARG A 11 -3.63 -6.31 0.87
C ARG A 11 -3.68 -7.33 -0.27
N LYS B 1 -13.94 -0.26 8.29
CA LYS B 1 -13.04 -1.33 7.77
C LYS B 1 -12.92 -1.34 6.26
N LEU B 2 -13.43 -0.33 5.60
CA LEU B 2 -13.34 -0.28 4.16
C LEU B 2 -12.45 0.87 3.72
N LEU B 3 -11.54 1.26 4.61
CA LEU B 3 -10.58 2.31 4.34
C LEU B 3 -9.35 1.70 3.70
N ILE B 4 -9.34 0.36 3.68
CA ILE B 4 -8.23 -0.40 3.13
C ILE B 4 -8.42 -0.56 1.61
N THR B 5 -8.87 0.50 0.97
CA THR B 5 -9.08 0.49 -0.49
C THR B 5 -8.13 1.47 -1.15
N ILE B 6 -8.24 2.74 -0.78
CA ILE B 6 -7.38 3.78 -1.34
C ILE B 6 -6.21 4.07 -0.41
N HIS B 7 -6.46 3.99 0.90
CA HIS B 7 -5.42 4.22 1.89
C HIS B 7 -4.33 3.17 1.74
N ASP B 8 -4.76 1.97 1.36
CA ASP B 8 -3.83 0.87 1.15
C ASP B 8 -3.09 1.07 -0.18
N ARG B 9 -3.66 1.91 -1.03
CA ARG B 9 -3.07 2.22 -2.32
C ARG B 9 -1.82 3.06 -2.13
N LYS B 10 -1.63 3.53 -0.91
CA LYS B 10 -0.46 4.34 -0.57
C LYS B 10 0.39 3.64 0.48
N GLU B 11 -0.26 2.89 1.36
CA GLU B 11 0.42 2.15 2.40
C GLU B 11 1.32 1.09 1.78
N PHE B 12 1.15 0.88 0.47
CA PHE B 12 1.93 -0.11 -0.25
C PHE B 12 2.86 0.57 -1.25
N ALA B 13 2.33 1.48 -2.04
CA ALA B 13 3.12 2.19 -3.04
C ALA B 13 3.92 3.33 -2.42
N LYS B 14 4.48 3.07 -1.26
CA LYS B 14 5.31 4.04 -0.56
C LYS B 14 6.60 4.21 -1.34
N PHE B 15 7.29 3.09 -1.47
CA PHE B 15 8.55 3.01 -2.21
C PHE B 15 8.34 2.06 -3.37
N GLU B 16 7.22 1.33 -3.28
CA GLU B 16 6.83 0.36 -4.27
C GLU B 16 6.64 1.02 -5.64
N GLU B 17 6.17 2.27 -5.61
CA GLU B 17 5.97 3.03 -6.84
C GLU B 17 7.29 3.21 -7.58
N GLU B 18 8.38 2.91 -6.88
CA GLU B 18 9.71 3.02 -7.45
C GLU B 18 10.30 1.63 -7.71
N ARG B 19 9.77 0.65 -6.98
CA ARG B 19 10.22 -0.73 -7.13
C ARG B 19 9.42 -1.47 -8.19
N ALA B 20 8.35 -0.83 -8.66
CA ALA B 20 7.50 -1.42 -9.68
C ALA B 20 7.51 -0.58 -10.95
N ARG B 21 8.21 0.54 -10.89
CA ARG B 21 8.33 1.44 -12.04
C ARG B 21 9.62 1.18 -12.78
N ALA B 22 10.73 1.21 -12.05
CA ALA B 22 12.04 0.97 -12.65
C ALA B 22 12.10 -0.36 -13.38
N LYS B 23 11.09 -1.21 -13.20
CA LYS B 23 11.08 -2.50 -13.87
C LYS B 23 10.75 -2.32 -15.34
N TRP B 24 9.64 -1.64 -15.61
CA TRP B 24 9.20 -1.39 -16.97
C TRP B 24 9.71 -0.03 -17.44
N ASP B 25 10.33 0.70 -16.51
CA ASP B 25 10.86 2.02 -16.80
C ASP B 25 12.38 2.05 -16.64
N MET A 1 -5.93 -0.86 13.54
CA MET A 1 -7.39 -1.11 13.47
C MET A 1 -7.74 -2.55 13.82
N TRP A 2 -7.96 -3.36 12.80
CA TRP A 2 -8.33 -4.75 12.98
C TRP A 2 -7.31 -5.68 12.32
N LYS A 3 -7.57 -6.06 11.06
CA LYS A 3 -6.67 -6.91 10.31
C LYS A 3 -5.61 -6.03 9.69
N VAL A 4 -6.00 -4.78 9.52
CA VAL A 4 -5.16 -3.76 8.94
C VAL A 4 -3.73 -3.86 9.41
N GLY A 5 -3.53 -4.13 10.70
CA GLY A 5 -2.19 -4.21 11.25
C GLY A 5 -1.20 -4.78 10.27
N PHE A 6 -1.52 -5.91 9.69
CA PHE A 6 -0.65 -6.52 8.73
C PHE A 6 -1.37 -6.68 7.40
N PHE A 7 -2.55 -6.07 7.29
CA PHE A 7 -3.34 -6.17 6.08
C PHE A 7 -3.06 -5.03 5.12
N LYS A 8 -2.81 -3.87 5.67
CA LYS A 8 -2.57 -2.69 4.87
C LYS A 8 -1.24 -2.76 4.14
N ARG A 9 -0.47 -3.76 4.47
CA ARG A 9 0.80 -4.01 3.81
C ARG A 9 0.69 -5.33 3.09
N ASN A 10 -0.48 -5.93 3.27
CA ASN A 10 -0.81 -7.22 2.70
C ASN A 10 -1.81 -7.07 1.54
N ARG A 11 -3.08 -6.94 1.90
CA ARG A 11 -4.15 -6.81 0.91
C ARG A 11 -4.23 -8.05 0.03
N LYS B 1 -13.70 0.50 7.78
CA LYS B 1 -12.93 -0.68 7.33
C LYS B 1 -12.75 -0.74 5.83
N LEU B 2 -13.43 0.13 5.11
CA LEU B 2 -13.28 0.14 3.69
C LEU B 2 -12.20 1.12 3.28
N LEU B 3 -11.44 1.54 4.28
CA LEU B 3 -10.31 2.44 4.06
C LEU B 3 -9.17 1.63 3.47
N ILE B 4 -9.36 0.31 3.52
CA ILE B 4 -8.39 -0.64 3.00
C ILE B 4 -8.55 -0.77 1.49
N THR B 5 -9.35 0.12 0.91
CA THR B 5 -9.59 0.12 -0.53
C THR B 5 -8.56 0.98 -1.26
N ILE B 6 -8.22 2.13 -0.67
CA ILE B 6 -7.25 3.03 -1.28
C ILE B 6 -6.03 3.25 -0.38
N HIS B 7 -6.27 3.39 0.93
CA HIS B 7 -5.18 3.61 1.86
C HIS B 7 -4.20 2.44 1.81
N ASP B 8 -4.71 1.27 1.48
CA ASP B 8 -3.87 0.09 1.38
C ASP B 8 -2.96 0.22 0.18
N ARG B 9 -3.43 1.00 -0.81
CA ARG B 9 -2.66 1.25 -2.01
C ARG B 9 -1.61 2.32 -1.73
N LYS B 10 -1.86 3.06 -0.65
CA LYS B 10 -0.95 4.12 -0.21
C LYS B 10 0.08 3.54 0.74
N GLU B 11 -0.36 2.59 1.53
CA GLU B 11 0.49 1.90 2.47
C GLU B 11 1.29 0.85 1.72
N PHE B 12 1.11 0.87 0.40
CA PHE B 12 1.78 -0.04 -0.51
C PHE B 12 2.78 0.72 -1.38
N ALA B 13 2.65 2.04 -1.37
CA ALA B 13 3.54 2.90 -2.13
C ALA B 13 4.82 3.15 -1.37
N LYS B 14 5.45 2.05 -0.97
CA LYS B 14 6.71 2.09 -0.25
C LYS B 14 7.82 2.50 -1.20
N PHE B 15 7.89 1.72 -2.27
CA PHE B 15 8.84 1.92 -3.33
C PHE B 15 8.07 2.11 -4.63
N GLU B 16 6.79 1.75 -4.55
CA GLU B 16 5.88 1.87 -5.65
C GLU B 16 5.69 3.34 -6.03
N GLU B 17 5.86 4.21 -5.03
CA GLU B 17 5.75 5.65 -5.26
C GLU B 17 6.98 6.15 -6.00
N GLU B 18 7.88 5.23 -6.28
CA GLU B 18 9.11 5.52 -7.00
C GLU B 18 9.17 4.70 -8.28
N ARG B 19 8.12 3.90 -8.49
CA ARG B 19 8.04 3.04 -9.65
C ARG B 19 6.92 3.48 -10.59
N ALA B 20 5.69 3.49 -10.07
CA ALA B 20 4.53 3.88 -10.86
C ALA B 20 4.12 5.31 -10.56
N ARG B 21 4.93 5.99 -9.76
CA ARG B 21 4.66 7.39 -9.42
C ARG B 21 5.61 8.31 -10.14
N ALA B 22 6.90 8.18 -9.83
CA ALA B 22 7.92 9.00 -10.46
C ALA B 22 7.73 9.08 -11.97
N LYS B 23 7.10 8.06 -12.55
CA LYS B 23 6.85 8.03 -13.98
C LYS B 23 6.17 9.34 -14.39
N TRP B 24 5.04 9.60 -13.77
CA TRP B 24 4.28 10.81 -14.03
C TRP B 24 4.61 11.87 -12.99
N ASP B 25 5.46 11.47 -12.05
CA ASP B 25 5.87 12.36 -10.97
C ASP B 25 7.33 12.78 -11.14
N MET A 1 -5.66 -0.92 13.63
CA MET A 1 -7.12 -1.20 13.52
C MET A 1 -7.41 -2.65 13.90
N TRP A 2 -7.58 -3.49 12.88
CA TRP A 2 -7.91 -4.89 13.07
C TRP A 2 -6.83 -5.78 12.46
N LYS A 3 -6.98 -6.02 11.17
CA LYS A 3 -6.03 -6.83 10.41
C LYS A 3 -5.13 -5.90 9.63
N VAL A 4 -5.59 -4.66 9.53
CA VAL A 4 -4.90 -3.63 8.81
C VAL A 4 -3.40 -3.64 9.07
N GLY A 5 -3.01 -3.74 10.33
CA GLY A 5 -1.60 -3.73 10.66
C GLY A 5 -0.80 -4.63 9.75
N PHE A 6 -1.41 -5.72 9.33
CA PHE A 6 -0.76 -6.63 8.43
C PHE A 6 -1.55 -6.77 7.14
N PHE A 7 -2.55 -5.90 6.98
CA PHE A 7 -3.39 -5.93 5.78
C PHE A 7 -3.09 -4.78 4.85
N LYS A 8 -2.90 -3.58 5.40
CA LYS A 8 -2.61 -2.43 4.57
C LYS A 8 -1.27 -2.58 3.87
N ARG A 9 -0.52 -3.59 4.29
CA ARG A 9 0.77 -3.88 3.69
C ARG A 9 0.68 -5.22 2.95
N ASN A 10 -0.47 -5.87 3.12
CA ASN A 10 -0.75 -7.15 2.51
C ASN A 10 -1.75 -7.01 1.37
N ARG A 11 -3.03 -6.89 1.73
CA ARG A 11 -4.11 -6.75 0.76
C ARG A 11 -4.26 -8.02 -0.07
N LYS B 1 -13.47 0.63 7.98
CA LYS B 1 -12.74 -0.60 7.57
C LYS B 1 -12.59 -0.72 6.08
N LEU B 2 -13.36 0.03 5.32
CA LEU B 2 -13.26 -0.05 3.88
C LEU B 2 -12.15 0.88 3.40
N LEU B 3 -11.27 1.24 4.32
CA LEU B 3 -10.13 2.09 4.01
C LEU B 3 -9.05 1.24 3.37
N ILE B 4 -9.21 -0.07 3.52
CA ILE B 4 -8.29 -1.04 2.97
C ILE B 4 -8.48 -1.18 1.47
N THR B 5 -9.40 -0.38 0.92
CA THR B 5 -9.68 -0.38 -0.50
C THR B 5 -9.05 0.84 -1.15
N ILE B 6 -8.84 1.89 -0.34
CA ILE B 6 -8.23 3.11 -0.82
C ILE B 6 -6.94 3.42 -0.06
N HIS B 7 -7.04 3.66 1.24
CA HIS B 7 -5.87 3.98 2.06
C HIS B 7 -4.79 2.93 1.85
N ASP B 8 -5.19 1.77 1.34
CA ASP B 8 -4.27 0.68 1.09
C ASP B 8 -3.38 0.98 -0.11
N ARG B 9 -3.96 1.54 -1.16
CA ARG B 9 -3.23 1.88 -2.37
C ARG B 9 -2.07 2.81 -2.04
N LYS B 10 -2.18 3.49 -0.92
CA LYS B 10 -1.13 4.40 -0.46
C LYS B 10 -0.23 3.70 0.54
N GLU B 11 -0.80 2.72 1.23
CA GLU B 11 -0.07 1.95 2.21
C GLU B 11 0.80 0.91 1.51
N PHE B 12 0.74 0.92 0.18
CA PHE B 12 1.51 -0.01 -0.64
C PHE B 12 2.63 0.72 -1.39
N ALA B 13 2.50 2.04 -1.50
CA ALA B 13 3.50 2.84 -2.19
C ALA B 13 4.68 3.14 -1.28
N LYS B 14 5.17 2.10 -0.64
CA LYS B 14 6.32 2.19 0.25
C LYS B 14 7.59 2.34 -0.56
N PHE B 15 7.84 1.33 -1.37
CA PHE B 15 8.98 1.29 -2.27
C PHE B 15 8.45 1.40 -3.68
N GLU B 16 7.14 1.22 -3.78
CA GLU B 16 6.43 1.30 -5.04
C GLU B 16 6.57 2.68 -5.66
N GLU B 17 6.78 3.68 -4.81
CA GLU B 17 6.96 5.05 -5.28
C GLU B 17 8.32 5.19 -5.97
N GLU B 18 9.12 4.14 -5.86
CA GLU B 18 10.44 4.12 -6.47
C GLU B 18 10.47 3.15 -7.64
N ARG B 19 9.74 2.04 -7.51
CA ARG B 19 9.66 1.02 -8.54
C ARG B 19 8.85 1.53 -9.73
N ALA B 20 8.18 2.66 -9.54
CA ALA B 20 7.37 3.26 -10.58
C ALA B 20 7.86 4.67 -10.90
N ARG B 21 8.97 5.04 -10.28
CA ARG B 21 9.56 6.35 -10.48
C ARG B 21 10.65 6.29 -11.52
N ALA B 22 11.66 5.45 -11.29
CA ALA B 22 12.77 5.32 -12.21
C ALA B 22 12.30 5.05 -13.64
N LYS B 23 11.04 4.65 -13.81
CA LYS B 23 10.53 4.39 -15.14
C LYS B 23 10.43 5.70 -15.93
N TRP B 24 9.67 6.64 -15.38
CA TRP B 24 9.49 7.94 -16.01
C TRP B 24 10.55 8.92 -15.54
N ASP B 25 11.34 8.48 -14.58
CA ASP B 25 12.40 9.31 -14.00
C ASP B 25 13.78 8.75 -14.32
N MET A 1 -6.05 -1.51 14.00
CA MET A 1 -7.51 -1.71 13.80
C MET A 1 -7.91 -3.16 14.00
N TRP A 2 -8.06 -3.90 12.91
CA TRP A 2 -8.46 -5.29 12.95
C TRP A 2 -7.40 -6.17 12.30
N LYS A 3 -7.52 -6.36 10.99
CA LYS A 3 -6.56 -7.14 10.22
C LYS A 3 -5.52 -6.20 9.66
N VAL A 4 -5.93 -4.94 9.60
CA VAL A 4 -5.12 -3.86 9.10
C VAL A 4 -3.67 -3.97 9.54
N GLY A 5 -3.46 -4.34 10.79
CA GLY A 5 -2.11 -4.43 11.31
C GLY A 5 -1.13 -4.95 10.29
N PHE A 6 -1.48 -6.03 9.62
CA PHE A 6 -0.63 -6.57 8.60
C PHE A 6 -1.35 -6.61 7.27
N PHE A 7 -2.52 -5.98 7.23
CA PHE A 7 -3.31 -5.95 6.01
C PHE A 7 -3.08 -4.69 5.19
N LYS A 8 -3.00 -3.56 5.87
CA LYS A 8 -2.80 -2.31 5.18
C LYS A 8 -1.48 -2.28 4.42
N ARG A 9 -0.67 -3.31 4.65
CA ARG A 9 0.61 -3.45 3.96
C ARG A 9 0.48 -4.64 3.01
N ASN A 10 -0.51 -5.46 3.30
CA ASN A 10 -0.80 -6.65 2.51
C ASN A 10 -1.91 -6.38 1.49
N ARG A 11 -3.16 -6.59 1.91
CA ARG A 11 -4.31 -6.39 1.04
C ARG A 11 -4.17 -7.23 -0.24
N LYS B 1 -13.56 0.08 7.86
CA LYS B 1 -12.76 -1.09 7.42
C LYS B 1 -12.60 -1.17 5.91
N LEU B 2 -13.31 -0.33 5.19
CA LEU B 2 -13.19 -0.35 3.76
C LEU B 2 -12.17 0.69 3.32
N LEU B 3 -11.40 1.15 4.30
CA LEU B 3 -10.33 2.11 4.06
C LEU B 3 -9.16 1.39 3.43
N ILE B 4 -9.21 0.07 3.53
CA ILE B 4 -8.18 -0.80 2.98
C ILE B 4 -8.35 -0.96 1.46
N THR B 5 -9.13 -0.07 0.87
CA THR B 5 -9.36 -0.10 -0.57
C THR B 5 -8.39 0.82 -1.30
N ILE B 6 -8.25 2.04 -0.79
CA ILE B 6 -7.35 3.01 -1.39
C ILE B 6 -6.23 3.40 -0.43
N HIS B 7 -6.55 3.52 0.85
CA HIS B 7 -5.56 3.88 1.85
C HIS B 7 -4.44 2.86 1.85
N ASP B 8 -4.73 1.67 1.37
CA ASP B 8 -3.74 0.61 1.28
C ASP B 8 -2.82 0.88 0.10
N ARG B 9 -3.38 1.45 -0.95
CA ARG B 9 -2.61 1.79 -2.15
C ARG B 9 -1.55 2.80 -1.78
N LYS B 10 -1.81 3.51 -0.70
CA LYS B 10 -0.90 4.52 -0.18
C LYS B 10 0.05 3.88 0.82
N GLU B 11 -0.51 2.95 1.58
CA GLU B 11 0.23 2.23 2.57
C GLU B 11 1.04 1.13 1.91
N PHE B 12 1.01 1.15 0.58
CA PHE B 12 1.72 0.17 -0.23
C PHE B 12 2.73 0.88 -1.14
N ALA B 13 2.61 2.19 -1.25
CA ALA B 13 3.52 2.98 -2.08
C ALA B 13 4.80 3.28 -1.33
N LYS B 14 5.41 2.20 -0.86
CA LYS B 14 6.66 2.27 -0.13
C LYS B 14 7.79 2.36 -1.14
N PHE B 15 7.73 1.43 -2.08
CA PHE B 15 8.67 1.32 -3.17
C PHE B 15 7.91 1.44 -4.47
N GLU B 16 6.62 1.20 -4.36
CA GLU B 16 5.70 1.25 -5.48
C GLU B 16 5.82 2.60 -6.19
N GLU B 17 6.26 3.61 -5.46
CA GLU B 17 6.44 4.93 -6.03
C GLU B 17 7.55 4.89 -7.07
N GLU B 18 8.60 4.12 -6.78
CA GLU B 18 9.73 3.96 -7.68
C GLU B 18 9.35 3.00 -8.81
N ARG B 19 8.59 1.96 -8.46
CA ARG B 19 8.15 0.98 -9.44
C ARG B 19 7.18 1.62 -10.43
N ALA B 20 6.59 2.73 -10.01
CA ALA B 20 5.65 3.46 -10.84
C ALA B 20 6.28 4.76 -11.32
N ARG B 21 7.58 4.87 -11.12
CA ARG B 21 8.33 6.05 -11.53
C ARG B 21 9.19 5.75 -12.75
N ALA B 22 10.14 4.83 -12.58
CA ALA B 22 11.02 4.44 -13.67
C ALA B 22 10.25 4.18 -14.95
N LYS B 23 8.97 3.84 -14.83
CA LYS B 23 8.14 3.59 -16.00
C LYS B 23 8.19 4.79 -16.94
N TRP B 24 7.82 5.94 -16.40
CA TRP B 24 7.83 7.18 -17.15
C TRP B 24 9.10 7.95 -16.88
N ASP B 25 9.93 7.40 -16.00
CA ASP B 25 11.18 8.02 -15.61
C ASP B 25 12.38 7.20 -16.11
#